data_3S5L
#
_entry.id   3S5L
#
_cell.length_a   94.200
_cell.length_b   119.700
_cell.length_c   137.400
_cell.angle_alpha   90.00
_cell.angle_beta   90.00
_cell.angle_gamma   90.00
#
_symmetry.space_group_name_H-M   'P 21 21 21'
#
loop_
_entity.id
_entity.type
_entity.pdbx_description
1 polymer 'HLA class II histocompatibility antigen, DR alpha chain'
2 polymer 'HLA class II histocompatibility antigen DR beta chain'
3 polymer 'HA peptide'
4 polymer 'T-cell surface glycoprotein CD4'
5 non-polymer GLYCEROL
6 water water
#
loop_
_entity_poly.entity_id
_entity_poly.type
_entity_poly.pdbx_seq_one_letter_code
_entity_poly.pdbx_strand_id
1 'polypeptide(L)'
;IKEEHVIIQAEFYLNPDQSGEFMFDFDGDEIFHVDMAKKETVWRLEEFGRFASFEAQGALANIAVDKANLEIMTKRSNYT
PITNVPPEVTVLTNSPVELREPNVLICFIDKFTPPVVNVTWLRNGKPVTTGVSETVFLPREDHLFRKFHYLPFLPSTEDV
YDCRVEHWGLDEPLLKQWEFDA
;
A,D
2 'polypeptide(L)'
;MGDTRPRFLWQLKFECHFFNGTERVRLLERCIYNQEESVRFDSDVGEYRAVTELGRPDAEYWNSQKDLLEQRRAAVDTYC
RHNYGVGESFTVQRRVEPKVTVYPSKTQPLQHHNLLVCSVSGFYPGSIEVRWFRNGQEEKAGVVSTGLIQNGDWTFQTLV
MLETVPRSGEVYTCQVEHPSVTSPLTVEWRARS
;
B,E
3 'polypeptide(L)' PKYVKQNTLKLAT C,F
4 'polypeptide(L)'
;DLGSKKVVLGKKGDTVELTCTASQKKSIQFHWKNSNQIKILGNYGSFLWKGPSKLNDRADSRRRLWRQGNFPLIIKNLKI
EDSDTYICEVEDQKEEVQLLVFGLTANSDTHLLQGQSLTLTLESPPGSSPSVQCRSPRGKNIQGGKTLSVSQLELQDSGT
WTCTVLQNQKKVEFKIDIVVLAAAAHHHHHH
;
G,H
#
loop_
_chem_comp.id
_chem_comp.type
_chem_comp.name
_chem_comp.formula
GOL non-polymer GLYCEROL 'C3 H8 O3'
#
# COMPACT_ATOMS: atom_id res chain seq x y z
N GLU A 3 8.43 -24.11 0.40
CA GLU A 3 8.73 -23.20 -0.74
C GLU A 3 7.47 -22.39 -1.10
N GLU A 4 7.45 -21.10 -0.78
CA GLU A 4 6.28 -20.30 -1.08
C GLU A 4 6.48 -19.26 -2.17
N HIS A 5 7.57 -18.50 -2.13
CA HIS A 5 7.85 -17.52 -3.15
C HIS A 5 9.32 -17.45 -3.45
N VAL A 6 9.67 -17.07 -4.67
CA VAL A 6 11.07 -16.92 -5.07
C VAL A 6 11.26 -15.66 -5.92
N ILE A 7 12.24 -14.84 -5.53
CA ILE A 7 12.54 -13.64 -6.29
C ILE A 7 13.95 -13.83 -6.79
N ILE A 8 14.16 -13.65 -8.09
CA ILE A 8 15.50 -13.83 -8.63
C ILE A 8 16.01 -12.62 -9.39
N GLN A 9 17.26 -12.28 -9.13
CA GLN A 9 17.97 -11.20 -9.82
C GLN A 9 18.85 -12.03 -10.77
N ALA A 10 18.56 -11.99 -12.06
CA ALA A 10 19.34 -12.77 -13.00
C ALA A 10 20.00 -11.88 -14.03
N GLU A 11 21.27 -12.16 -14.31
CA GLU A 11 21.97 -11.37 -15.30
C GLU A 11 22.86 -12.27 -16.11
N PHE A 12 23.23 -11.79 -17.28
CA PHE A 12 24.12 -12.56 -18.10
C PHE A 12 24.89 -11.68 -19.06
N TYR A 13 26.01 -12.22 -19.57
CA TYR A 13 26.79 -11.50 -20.57
C TYR A 13 27.21 -12.56 -21.57
N LEU A 14 27.11 -12.24 -22.86
CA LEU A 14 27.44 -13.19 -23.91
C LEU A 14 28.45 -12.65 -24.92
N ASN A 15 29.48 -13.45 -25.22
CA ASN A 15 30.51 -13.13 -26.21
C ASN A 15 30.42 -14.19 -27.31
N PRO A 16 30.80 -13.83 -28.55
CA PRO A 16 31.31 -12.51 -28.97
C PRO A 16 30.22 -11.46 -29.23
N ASP A 17 28.96 -11.82 -28.99
CA ASP A 17 27.87 -10.89 -29.26
C ASP A 17 27.91 -9.59 -28.48
N GLN A 18 28.57 -9.61 -27.33
CA GLN A 18 28.62 -8.44 -26.44
C GLN A 18 27.21 -8.00 -26.03
N SER A 19 26.42 -8.99 -25.61
CA SER A 19 25.05 -8.75 -25.15
C SER A 19 24.96 -9.11 -23.68
N GLY A 20 24.29 -8.25 -22.92
CA GLY A 20 24.13 -8.49 -21.50
C GLY A 20 22.68 -8.25 -21.15
N GLU A 21 22.25 -8.81 -20.03
CA GLU A 21 20.87 -8.64 -19.61
C GLU A 21 20.82 -8.59 -18.08
N PHE A 22 19.90 -7.80 -17.55
CA PHE A 22 19.73 -7.67 -16.11
C PHE A 22 18.24 -7.62 -15.79
N MET A 23 17.79 -8.57 -14.97
CA MET A 23 16.37 -8.59 -14.65
C MET A 23 16.06 -9.24 -13.29
N PHE A 24 14.83 -9.00 -12.85
CA PHE A 24 14.28 -9.52 -11.61
C PHE A 24 13.01 -10.26 -11.97
N ASP A 25 12.80 -11.41 -11.35
CA ASP A 25 11.55 -12.08 -11.61
C ASP A 25 10.98 -12.57 -10.29
N PHE A 26 9.68 -12.77 -10.27
CA PHE A 26 8.99 -13.23 -9.09
C PHE A 26 8.18 -14.47 -9.48
N ASP A 27 8.49 -15.61 -8.86
CA ASP A 27 7.81 -16.87 -9.15
C ASP A 27 7.73 -17.17 -10.66
N GLY A 28 8.78 -16.85 -11.41
CA GLY A 28 8.79 -17.11 -12.85
C GLY A 28 8.32 -15.98 -13.75
N ASP A 29 7.67 -14.97 -13.19
CA ASP A 29 7.24 -13.84 -14.01
C ASP A 29 8.22 -12.67 -13.85
N GLU A 30 8.51 -11.98 -14.94
CA GLU A 30 9.43 -10.85 -14.91
C GLU A 30 8.84 -9.61 -14.23
N ILE A 31 9.54 -9.06 -13.23
CA ILE A 31 9.08 -7.81 -12.58
C ILE A 31 9.55 -6.66 -13.47
N PHE A 32 10.84 -6.66 -13.82
CA PHE A 32 11.41 -5.63 -14.69
C PHE A 32 12.76 -6.09 -15.19
N HIS A 33 13.29 -5.33 -16.14
CA HIS A 33 14.64 -5.56 -16.63
C HIS A 33 15.16 -4.18 -16.97
N VAL A 34 16.47 -4.12 -17.23
CA VAL A 34 17.08 -2.85 -17.60
C VAL A 34 17.43 -2.79 -19.07
N ASP A 35 16.84 -1.82 -19.78
CA ASP A 35 17.16 -1.63 -21.18
C ASP A 35 18.59 -1.06 -21.14
N MET A 36 19.56 -1.81 -21.66
CA MET A 36 20.95 -1.36 -21.61
C MET A 36 21.27 -0.12 -22.43
N ALA A 37 20.64 0.04 -23.59
CA ALA A 37 20.90 1.20 -24.45
C ALA A 37 20.27 2.50 -23.95
N LYS A 38 19.17 2.40 -23.22
CA LYS A 38 18.52 3.60 -22.71
C LYS A 38 18.84 3.80 -21.23
N LYS A 39 19.54 2.83 -20.67
CA LYS A 39 19.90 2.90 -19.26
C LYS A 39 18.66 3.20 -18.45
N GLU A 40 17.60 2.42 -18.66
CA GLU A 40 16.40 2.64 -17.89
C GLU A 40 15.71 1.34 -17.47
N THR A 41 14.97 1.45 -16.38
CA THR A 41 14.23 0.32 -15.85
C THR A 41 12.94 0.16 -16.65
N VAL A 42 12.67 -1.05 -17.10
CA VAL A 42 11.45 -1.31 -17.88
C VAL A 42 10.62 -2.32 -17.09
N TRP A 43 9.47 -1.88 -16.59
CA TRP A 43 8.58 -2.74 -15.81
C TRP A 43 7.73 -3.64 -16.71
N ARG A 44 7.62 -4.92 -16.35
CA ARG A 44 6.86 -5.88 -17.16
C ARG A 44 5.41 -5.40 -17.35
N LEU A 45 4.78 -4.98 -16.25
CA LEU A 45 3.42 -4.41 -16.32
C LEU A 45 3.58 -2.93 -15.87
N GLU A 46 3.07 -2.01 -16.67
CA GLU A 46 3.19 -0.59 -16.37
C GLU A 46 2.94 -0.16 -14.93
N GLU A 47 1.91 -0.71 -14.29
CA GLU A 47 1.60 -0.30 -12.93
C GLU A 47 2.64 -0.63 -11.86
N PHE A 48 3.54 -1.58 -12.13
CA PHE A 48 4.55 -1.92 -11.15
C PHE A 48 5.38 -0.67 -10.87
N GLY A 49 5.68 0.06 -11.94
CA GLY A 49 6.50 1.27 -11.84
C GLY A 49 5.86 2.38 -11.02
N ARG A 50 4.55 2.30 -10.81
CA ARG A 50 3.88 3.33 -10.04
C ARG A 50 4.00 3.03 -8.56
N PHE A 51 4.57 1.88 -8.22
CA PHE A 51 4.66 1.51 -6.82
C PHE A 51 6.06 1.18 -6.33
N ALA A 52 7.02 1.15 -7.26
CA ALA A 52 8.39 0.85 -6.90
C ALA A 52 9.36 1.44 -7.91
N SER A 53 10.65 1.39 -7.58
CA SER A 53 11.65 1.94 -8.47
C SER A 53 12.91 1.11 -8.37
N PHE A 54 13.78 1.26 -9.36
CA PHE A 54 15.07 0.59 -9.37
C PHE A 54 15.99 1.51 -10.14
N GLU A 55 17.21 1.69 -9.61
CA GLU A 55 18.21 2.55 -10.25
C GLU A 55 18.95 1.74 -11.27
N ALA A 56 18.64 2.00 -12.53
CA ALA A 56 19.20 1.29 -13.67
C ALA A 56 20.73 1.30 -13.77
N GLN A 57 21.38 2.41 -13.38
CA GLN A 57 22.83 2.49 -13.48
C GLN A 57 23.50 1.34 -12.73
N GLY A 58 22.86 0.89 -11.65
CA GLY A 58 23.42 -0.22 -10.90
C GLY A 58 23.52 -1.46 -11.78
N ALA A 59 22.56 -1.67 -12.68
CA ALA A 59 22.62 -2.85 -13.54
C ALA A 59 23.82 -2.68 -14.44
N LEU A 60 23.99 -1.48 -14.99
CA LEU A 60 25.11 -1.17 -15.88
C LEU A 60 26.45 -1.51 -15.24
N ALA A 61 26.60 -1.20 -13.96
CA ALA A 61 27.85 -1.48 -13.28
C ALA A 61 28.02 -2.99 -13.09
N ASN A 62 26.94 -3.71 -12.77
CA ASN A 62 27.07 -5.17 -12.60
C ASN A 62 27.41 -5.84 -13.93
N ILE A 63 26.84 -5.36 -15.03
CA ILE A 63 27.08 -5.94 -16.35
C ILE A 63 28.54 -5.76 -16.78
N ALA A 64 29.16 -4.66 -16.39
CA ALA A 64 30.57 -4.46 -16.74
C ALA A 64 31.41 -5.53 -16.02
N VAL A 65 31.07 -5.81 -14.77
CA VAL A 65 31.79 -6.83 -14.02
C VAL A 65 31.51 -8.20 -14.63
N ASP A 66 30.27 -8.44 -15.04
CA ASP A 66 29.94 -9.72 -15.66
C ASP A 66 30.76 -9.91 -16.96
N LYS A 67 30.88 -8.86 -17.75
CA LYS A 67 31.67 -8.92 -18.99
C LYS A 67 33.11 -9.34 -18.70
N ALA A 68 33.72 -8.65 -17.74
CA ALA A 68 35.09 -8.93 -17.32
C ALA A 68 35.20 -10.36 -16.81
N ASN A 69 34.23 -10.79 -16.01
CA ASN A 69 34.25 -12.14 -15.49
C ASN A 69 34.11 -13.18 -16.59
N LEU A 70 33.30 -12.90 -17.61
CA LEU A 70 33.15 -13.87 -18.71
C LEU A 70 34.53 -14.12 -19.34
N GLU A 71 35.29 -13.05 -19.57
CA GLU A 71 36.62 -13.19 -20.18
C GLU A 71 37.51 -14.09 -19.34
N ILE A 72 37.45 -13.92 -18.03
CA ILE A 72 38.24 -14.71 -17.09
C ILE A 72 37.93 -16.19 -17.17
N MET A 73 36.64 -16.51 -17.14
CA MET A 73 36.19 -17.90 -17.22
C MET A 73 36.46 -18.48 -18.60
N THR A 74 36.34 -17.65 -19.63
CA THR A 74 36.58 -18.15 -20.99
C THR A 74 38.02 -18.71 -21.02
N LYS A 75 38.94 -17.97 -20.43
CA LYS A 75 40.35 -18.37 -20.36
C LYS A 75 40.53 -19.58 -19.46
N ARG A 76 39.99 -19.49 -18.23
CA ARG A 76 40.12 -20.56 -17.26
C ARG A 76 39.61 -21.88 -17.79
N SER A 77 38.59 -21.85 -18.65
CA SER A 77 38.06 -23.10 -19.20
C SER A 77 38.83 -23.55 -20.45
N ASN A 78 39.92 -22.86 -20.78
CA ASN A 78 40.71 -23.16 -21.98
C ASN A 78 39.82 -22.93 -23.22
N TYR A 79 39.08 -21.82 -23.18
CA TYR A 79 38.20 -21.41 -24.26
C TYR A 79 37.19 -22.44 -24.71
N THR A 80 36.52 -23.05 -23.74
CA THR A 80 35.50 -24.03 -24.05
C THR A 80 34.24 -23.21 -24.34
N PRO A 81 33.65 -23.38 -25.53
CA PRO A 81 32.44 -22.63 -25.90
C PRO A 81 31.17 -23.32 -25.42
N ILE A 82 30.06 -22.61 -25.46
CA ILE A 82 28.80 -23.20 -25.00
C ILE A 82 28.28 -24.19 -26.04
N THR A 83 27.55 -25.21 -25.59
CA THR A 83 26.96 -26.18 -26.52
C THR A 83 25.54 -25.66 -26.78
N ASN A 84 25.18 -25.44 -28.04
CA ASN A 84 23.84 -24.97 -28.36
C ASN A 84 22.79 -25.99 -27.95
N VAL A 85 21.70 -25.49 -27.36
CA VAL A 85 20.57 -26.32 -26.99
C VAL A 85 19.40 -25.65 -27.70
N PRO A 86 18.81 -26.33 -28.71
CA PRO A 86 17.68 -25.78 -29.47
C PRO A 86 16.44 -25.65 -28.62
N PRO A 87 15.56 -24.69 -28.94
CA PRO A 87 14.33 -24.48 -28.18
C PRO A 87 13.18 -25.40 -28.54
N GLU A 88 12.23 -25.46 -27.61
CA GLU A 88 10.98 -26.19 -27.75
C GLU A 88 10.10 -25.00 -28.03
N VAL A 89 9.18 -25.12 -28.99
CA VAL A 89 8.35 -23.99 -29.33
C VAL A 89 6.90 -24.44 -29.34
N THR A 90 6.02 -23.66 -28.71
CA THR A 90 4.61 -24.02 -28.71
C THR A 90 3.83 -22.73 -28.93
N VAL A 91 2.75 -22.83 -29.68
CA VAL A 91 1.88 -21.69 -29.94
C VAL A 91 0.51 -21.98 -29.36
N LEU A 92 -0.02 -21.04 -28.60
CA LEU A 92 -1.34 -21.20 -28.03
C LEU A 92 -1.98 -19.82 -27.96
N THR A 93 -3.28 -19.77 -27.71
CA THR A 93 -3.96 -18.49 -27.56
C THR A 93 -4.08 -18.27 -26.07
N ASN A 94 -4.27 -17.02 -25.65
CA ASN A 94 -4.36 -16.85 -24.23
C ASN A 94 -5.76 -17.15 -23.71
N SER A 95 -6.71 -17.39 -24.62
CA SER A 95 -8.05 -17.76 -24.20
C SER A 95 -8.77 -18.51 -25.30
N PRO A 96 -9.90 -19.18 -25.00
CA PRO A 96 -10.60 -19.90 -26.06
C PRO A 96 -11.01 -18.94 -27.20
N VAL A 97 -10.87 -19.41 -28.43
CA VAL A 97 -11.16 -18.57 -29.58
C VAL A 97 -12.60 -18.57 -30.06
N GLU A 98 -13.12 -17.37 -30.30
CA GLU A 98 -14.48 -17.18 -30.80
C GLU A 98 -14.33 -16.26 -31.99
N LEU A 99 -14.89 -16.65 -33.14
CA LEU A 99 -14.81 -15.84 -34.34
C LEU A 99 -15.10 -14.38 -34.04
N ARG A 100 -14.43 -13.50 -34.76
CA ARG A 100 -14.57 -12.06 -34.59
C ARG A 100 -14.52 -11.55 -33.12
N GLU A 101 -13.78 -12.26 -32.27
CA GLU A 101 -13.59 -11.82 -30.89
C GLU A 101 -12.08 -11.76 -30.69
N PRO A 102 -11.54 -10.57 -30.37
CA PRO A 102 -10.12 -10.29 -30.15
C PRO A 102 -9.45 -11.32 -29.23
N ASN A 103 -8.25 -11.78 -29.60
CA ASN A 103 -7.53 -12.77 -28.80
C ASN A 103 -6.04 -12.49 -28.96
N VAL A 104 -5.22 -13.38 -28.42
CA VAL A 104 -3.79 -13.20 -28.55
C VAL A 104 -3.07 -14.53 -28.74
N LEU A 105 -2.23 -14.61 -29.79
CA LEU A 105 -1.45 -15.81 -30.04
C LEU A 105 -0.17 -15.68 -29.22
N ILE A 106 0.20 -16.75 -28.54
CA ILE A 106 1.41 -16.72 -27.72
C ILE A 106 2.40 -17.73 -28.28
N CYS A 107 3.62 -17.27 -28.56
CA CYS A 107 4.65 -18.18 -29.03
C CYS A 107 5.61 -18.39 -27.86
N PHE A 108 5.59 -19.58 -27.29
CA PHE A 108 6.46 -19.89 -26.16
C PHE A 108 7.71 -20.64 -26.61
N ILE A 109 8.87 -19.99 -26.42
CA ILE A 109 10.17 -20.52 -26.80
C ILE A 109 10.84 -20.85 -25.46
N ASP A 110 11.18 -22.11 -25.29
CA ASP A 110 11.66 -22.62 -24.02
C ASP A 110 12.85 -23.55 -24.15
N LYS A 111 13.57 -23.72 -23.05
CA LYS A 111 14.71 -24.63 -22.96
C LYS A 111 15.82 -24.44 -24.02
N PHE A 112 16.31 -23.23 -24.20
CA PHE A 112 17.37 -23.03 -25.18
C PHE A 112 18.51 -22.19 -24.61
N THR A 113 19.65 -22.24 -25.31
CA THR A 113 20.84 -21.48 -24.96
C THR A 113 21.79 -21.68 -26.14
N PRO A 114 22.59 -20.66 -26.47
CA PRO A 114 22.67 -19.35 -25.81
C PRO A 114 21.44 -18.45 -26.04
N PRO A 115 21.34 -17.36 -25.26
CA PRO A 115 20.24 -16.41 -25.36
C PRO A 115 20.26 -15.47 -26.56
N VAL A 116 20.13 -16.04 -27.74
CA VAL A 116 20.06 -15.32 -29.00
C VAL A 116 19.05 -16.09 -29.86
N VAL A 117 18.01 -15.41 -30.30
CA VAL A 117 16.99 -16.07 -31.09
C VAL A 117 16.33 -15.09 -32.08
N ASN A 118 15.76 -15.61 -33.16
CA ASN A 118 15.05 -14.78 -34.14
C ASN A 118 13.65 -15.36 -34.21
N VAL A 119 12.66 -14.51 -33.97
CA VAL A 119 11.28 -14.93 -33.97
C VAL A 119 10.49 -14.05 -34.90
N THR A 120 9.64 -14.67 -35.71
CA THR A 120 8.81 -13.90 -36.63
C THR A 120 7.42 -14.52 -36.72
N TRP A 121 6.40 -13.69 -36.56
CA TRP A 121 5.02 -14.13 -36.69
C TRP A 121 4.65 -14.06 -38.18
N LEU A 122 4.10 -15.15 -38.71
CA LEU A 122 3.64 -15.16 -40.10
C LEU A 122 2.11 -15.36 -40.12
N ARG A 123 1.42 -14.68 -41.04
CA ARG A 123 -0.02 -14.84 -41.20
C ARG A 123 -0.17 -15.18 -42.67
N ASN A 124 -0.63 -16.38 -42.95
CA ASN A 124 -0.75 -16.82 -44.33
C ASN A 124 0.60 -16.61 -45.02
N GLY A 125 1.66 -17.08 -44.37
CA GLY A 125 2.99 -16.99 -44.92
C GLY A 125 3.69 -15.64 -45.00
N LYS A 126 3.03 -14.56 -44.62
CA LYS A 126 3.64 -13.24 -44.67
C LYS A 126 3.89 -12.72 -43.25
N PRO A 127 5.03 -12.04 -43.04
CA PRO A 127 5.36 -11.51 -41.72
C PRO A 127 4.44 -10.40 -41.24
N VAL A 128 4.04 -10.49 -39.98
CA VAL A 128 3.18 -9.50 -39.38
C VAL A 128 3.88 -8.84 -38.20
N THR A 129 3.72 -7.53 -38.07
CA THR A 129 4.38 -6.82 -37.00
C THR A 129 3.46 -5.93 -36.19
N THR A 130 2.30 -5.59 -36.74
CA THR A 130 1.40 -4.71 -36.03
C THR A 130 0.92 -5.29 -34.73
N GLY A 131 1.18 -4.55 -33.66
CA GLY A 131 0.74 -4.95 -32.34
C GLY A 131 1.56 -6.03 -31.63
N VAL A 132 2.57 -6.59 -32.28
CA VAL A 132 3.34 -7.65 -31.64
C VAL A 132 4.23 -7.16 -30.50
N SER A 133 4.56 -8.07 -29.58
CA SER A 133 5.44 -7.74 -28.47
C SER A 133 6.20 -8.99 -28.07
N GLU A 134 7.13 -8.85 -27.13
CA GLU A 134 7.96 -9.95 -26.70
C GLU A 134 8.59 -9.63 -25.36
N THR A 135 9.12 -10.65 -24.72
CA THR A 135 9.78 -10.46 -23.44
C THR A 135 11.25 -10.61 -23.71
N VAL A 136 12.06 -10.36 -22.69
CA VAL A 136 13.49 -10.56 -22.78
C VAL A 136 13.69 -12.04 -22.46
N PHE A 137 14.94 -12.47 -22.33
CA PHE A 137 15.25 -13.86 -22.04
C PHE A 137 15.04 -14.15 -20.53
N LEU A 138 14.12 -15.06 -20.23
CA LEU A 138 13.82 -15.43 -18.85
C LEU A 138 14.58 -16.67 -18.42
N PRO A 139 15.09 -16.64 -17.18
CA PRO A 139 15.87 -17.69 -16.54
C PRO A 139 15.09 -18.95 -16.21
N ARG A 140 15.79 -20.08 -16.23
CA ARG A 140 15.24 -21.40 -15.90
C ARG A 140 16.16 -22.03 -14.88
N GLU A 141 15.63 -22.93 -14.05
CA GLU A 141 16.48 -23.58 -13.05
C GLU A 141 17.58 -24.43 -13.69
N ASP A 142 17.39 -24.93 -14.91
CA ASP A 142 18.45 -25.72 -15.53
C ASP A 142 19.44 -24.79 -16.26
N HIS A 143 19.28 -23.49 -16.06
CA HIS A 143 20.16 -22.48 -16.67
C HIS A 143 20.02 -22.22 -18.16
N LEU A 144 18.94 -22.77 -18.73
CA LEU A 144 18.59 -22.52 -20.12
C LEU A 144 17.68 -21.26 -20.03
N PHE A 145 17.04 -20.89 -21.13
CA PHE A 145 16.17 -19.72 -21.16
C PHE A 145 14.80 -20.00 -21.74
N ARG A 146 13.86 -19.10 -21.46
CA ARG A 146 12.48 -19.17 -21.96
C ARG A 146 12.27 -17.77 -22.50
N LYS A 147 11.31 -17.62 -23.41
CA LYS A 147 11.00 -16.32 -23.98
C LYS A 147 9.56 -16.38 -24.51
N PHE A 148 8.84 -15.25 -24.48
CA PHE A 148 7.48 -15.21 -25.02
C PHE A 148 7.36 -14.10 -26.06
N HIS A 149 6.62 -14.39 -27.15
CA HIS A 149 6.33 -13.40 -28.19
C HIS A 149 4.81 -13.41 -28.32
N TYR A 150 4.23 -12.25 -28.59
CA TYR A 150 2.78 -12.15 -28.65
C TYR A 150 2.25 -11.48 -29.88
N LEU A 151 1.09 -11.96 -30.33
CA LEU A 151 0.44 -11.36 -31.49
C LEU A 151 -1.09 -11.23 -31.30
N PRO A 152 -1.57 -10.01 -31.00
CA PRO A 152 -3.00 -9.79 -30.83
C PRO A 152 -3.63 -10.00 -32.20
N PHE A 153 -4.75 -10.72 -32.28
CA PHE A 153 -5.38 -10.95 -33.57
C PHE A 153 -6.92 -11.07 -33.47
N LEU A 154 -7.56 -11.15 -34.63
CA LEU A 154 -9.00 -11.31 -34.70
C LEU A 154 -9.18 -12.66 -35.39
N PRO A 155 -9.66 -13.67 -34.64
CA PRO A 155 -9.87 -15.02 -35.17
C PRO A 155 -10.74 -15.05 -36.42
N SER A 156 -10.35 -15.89 -37.37
CA SER A 156 -11.07 -16.05 -38.61
C SER A 156 -10.88 -17.48 -39.06
N THR A 157 -11.80 -17.95 -39.87
CA THR A 157 -11.76 -19.32 -40.35
C THR A 157 -10.73 -19.60 -41.45
N GLU A 158 -10.26 -18.56 -42.14
CA GLU A 158 -9.29 -18.76 -43.23
C GLU A 158 -7.82 -18.49 -42.91
N ASP A 159 -7.56 -17.64 -41.91
CA ASP A 159 -6.18 -17.30 -41.57
C ASP A 159 -5.36 -18.42 -40.95
N VAL A 160 -4.12 -18.54 -41.40
CA VAL A 160 -3.21 -19.55 -40.87
C VAL A 160 -1.97 -18.82 -40.36
N TYR A 161 -1.61 -19.07 -39.10
CA TYR A 161 -0.47 -18.41 -38.52
C TYR A 161 0.69 -19.33 -38.25
N ASP A 162 1.88 -18.75 -38.25
CA ASP A 162 3.11 -19.46 -37.93
C ASP A 162 3.99 -18.62 -37.03
N CYS A 163 4.68 -19.29 -36.11
CA CYS A 163 5.65 -18.58 -35.30
C CYS A 163 6.89 -19.23 -35.88
N ARG A 164 7.74 -18.43 -36.50
CA ARG A 164 8.98 -18.91 -37.14
C ARG A 164 10.14 -18.61 -36.21
N VAL A 165 10.86 -19.65 -35.81
CA VAL A 165 11.97 -19.48 -34.88
C VAL A 165 13.28 -19.99 -35.45
N GLU A 166 14.33 -19.19 -35.29
CA GLU A 166 15.67 -19.60 -35.72
C GLU A 166 16.60 -19.52 -34.50
N HIS A 167 17.49 -20.49 -34.36
CA HIS A 167 18.44 -20.54 -33.25
C HIS A 167 19.63 -21.40 -33.71
N TRP A 168 20.83 -21.10 -33.23
CA TRP A 168 22.01 -21.88 -33.64
C TRP A 168 21.86 -23.39 -33.40
N GLY A 169 21.06 -23.81 -32.42
CA GLY A 169 20.90 -25.24 -32.19
C GLY A 169 20.01 -25.96 -33.22
N LEU A 170 19.39 -25.21 -34.11
CA LEU A 170 18.51 -25.74 -35.15
C LEU A 170 19.17 -25.69 -36.53
N ASP A 171 18.99 -26.74 -37.33
CA ASP A 171 19.57 -26.78 -38.65
C ASP A 171 18.76 -26.02 -39.67
N GLU A 172 17.50 -25.73 -39.32
CA GLU A 172 16.66 -24.98 -40.20
C GLU A 172 15.62 -24.26 -39.37
N PRO A 173 14.96 -23.27 -39.97
CA PRO A 173 13.93 -22.51 -39.26
C PRO A 173 12.84 -23.47 -38.77
N LEU A 174 12.38 -23.25 -37.55
CA LEU A 174 11.34 -24.09 -36.98
C LEU A 174 10.04 -23.31 -37.00
N LEU A 175 9.05 -23.83 -37.73
CA LEU A 175 7.74 -23.17 -37.81
C LEU A 175 6.71 -23.96 -37.05
N LYS A 176 6.00 -23.26 -36.20
CA LYS A 176 4.96 -23.85 -35.39
C LYS A 176 3.68 -23.16 -35.85
N GLN A 177 2.79 -23.93 -36.44
CA GLN A 177 1.55 -23.42 -37.00
C GLN A 177 0.35 -23.39 -36.07
N TRP A 178 -0.59 -22.49 -36.35
CA TRP A 178 -1.83 -22.40 -35.58
C TRP A 178 -2.93 -21.91 -36.52
N GLU A 179 -4.14 -22.41 -36.32
CA GLU A 179 -5.30 -21.97 -37.10
C GLU A 179 -6.59 -22.36 -36.39
N PHE A 180 -7.61 -21.54 -36.57
CA PHE A 180 -8.91 -21.74 -35.97
C PHE A 180 -9.58 -23.04 -36.41
N GLU B 3 -17.79 13.69 19.70
CA GLU B 3 -18.03 13.72 21.18
C GLU B 3 -17.11 12.78 21.95
N GLU B 4 -16.24 12.09 21.21
CA GLU B 4 -15.28 11.14 21.74
C GLU B 4 -14.28 10.95 20.61
N HIS B 5 -14.82 10.76 19.40
CA HIS B 5 -14.03 10.59 18.19
C HIS B 5 -14.94 10.96 17.01
N VAL B 6 -14.36 11.61 16.01
CA VAL B 6 -15.14 11.99 14.83
C VAL B 6 -14.37 11.60 13.57
N ILE B 7 -15.04 10.91 12.66
CA ILE B 7 -14.42 10.54 11.40
C ILE B 7 -15.24 11.32 10.38
N ILE B 8 -14.58 11.95 9.43
CA ILE B 8 -15.30 12.73 8.44
C ILE B 8 -14.84 12.41 7.04
N GLN B 9 -15.79 12.14 6.16
CA GLN B 9 -15.49 11.92 4.76
C GLN B 9 -15.72 13.33 4.18
N ALA B 10 -14.66 14.01 3.76
CA ALA B 10 -14.85 15.37 3.23
C ALA B 10 -14.43 15.49 1.79
N GLU B 11 -15.31 16.08 0.98
CA GLU B 11 -15.02 16.29 -0.43
C GLU B 11 -15.46 17.66 -0.93
N PHE B 12 -14.89 18.08 -2.06
CA PHE B 12 -15.30 19.36 -2.61
C PHE B 12 -14.94 19.44 -4.08
N TYR B 13 -15.57 20.39 -4.75
CA TYR B 13 -15.28 20.65 -6.15
C TYR B 13 -15.34 22.15 -6.27
N LEU B 14 -14.36 22.70 -6.96
CA LEU B 14 -14.27 24.14 -7.14
C LEU B 14 -14.18 24.50 -8.62
N ASN B 15 -14.95 25.51 -9.02
CA ASN B 15 -14.99 26.02 -10.38
C ASN B 15 -14.63 27.50 -10.26
N PRO B 16 -14.05 28.08 -11.31
CA PRO B 16 -13.72 27.42 -12.59
C PRO B 16 -12.43 26.61 -12.61
N ASP B 17 -11.80 26.44 -11.45
CA ASP B 17 -10.55 25.72 -11.39
C ASP B 17 -10.63 24.27 -11.78
N GLN B 18 -11.83 23.71 -11.63
CA GLN B 18 -12.09 22.31 -11.89
C GLN B 18 -11.20 21.43 -11.02
N SER B 19 -11.23 21.74 -9.72
CA SER B 19 -10.44 21.03 -8.73
C SER B 19 -11.33 20.31 -7.74
N GLY B 20 -11.09 19.01 -7.59
CA GLY B 20 -11.85 18.19 -6.67
C GLY B 20 -10.94 17.58 -5.62
N GLU B 21 -11.51 17.21 -4.50
CA GLU B 21 -10.73 16.59 -3.44
C GLU B 21 -11.66 15.67 -2.66
N PHE B 22 -11.13 14.53 -2.26
CA PHE B 22 -11.89 13.55 -1.49
C PHE B 22 -10.93 13.05 -0.42
N MET B 23 -11.33 13.16 0.83
CA MET B 23 -10.49 12.73 1.94
C MET B 23 -11.27 12.32 3.17
N PHE B 24 -10.59 11.56 4.02
CA PHE B 24 -11.11 11.08 5.29
C PHE B 24 -10.27 11.70 6.40
N ASP B 25 -10.95 12.16 7.44
CA ASP B 25 -10.33 12.83 8.59
C ASP B 25 -10.69 12.08 9.89
N PHE B 26 -9.72 11.92 10.79
CA PHE B 26 -9.98 11.28 12.09
C PHE B 26 -9.52 12.26 13.17
N ASP B 27 -10.46 12.78 13.95
CA ASP B 27 -10.11 13.72 15.00
C ASP B 27 -9.21 14.88 14.52
N GLY B 28 -9.43 15.37 13.30
CA GLY B 28 -8.63 16.48 12.80
C GLY B 28 -7.42 16.11 11.97
N ASP B 29 -7.07 14.82 11.96
CA ASP B 29 -5.92 14.36 11.18
C ASP B 29 -6.38 13.59 9.97
N GLU B 30 -5.66 13.75 8.87
CA GLU B 30 -6.02 13.08 7.63
C GLU B 30 -5.63 11.60 7.61
N ILE B 31 -6.57 10.72 7.29
CA ILE B 31 -6.24 9.30 7.18
C ILE B 31 -5.70 9.14 5.75
N PHE B 32 -6.48 9.60 4.78
CA PHE B 32 -6.05 9.53 3.40
C PHE B 32 -6.91 10.41 2.52
N HIS B 33 -6.46 10.55 1.28
CA HIS B 33 -7.16 11.29 0.26
C HIS B 33 -6.87 10.56 -1.04
N VAL B 34 -7.66 10.83 -2.07
CA VAL B 34 -7.46 10.20 -3.36
C VAL B 34 -6.89 11.20 -4.33
N ASP B 35 -5.73 10.89 -4.88
CA ASP B 35 -5.10 11.75 -5.86
C ASP B 35 -5.92 11.56 -7.15
N MET B 36 -6.83 12.49 -7.41
CA MET B 36 -7.71 12.43 -8.59
C MET B 36 -7.00 12.10 -9.91
N ALA B 37 -5.88 12.77 -10.18
CA ALA B 37 -5.13 12.54 -11.42
C ALA B 37 -4.62 11.11 -11.54
N LYS B 38 -3.81 10.67 -10.58
CA LYS B 38 -3.24 9.33 -10.60
C LYS B 38 -4.29 8.29 -10.22
N LYS B 39 -5.48 8.76 -9.86
CA LYS B 39 -6.56 7.88 -9.47
C LYS B 39 -6.08 6.84 -8.45
N GLU B 40 -5.34 7.27 -7.43
CA GLU B 40 -4.87 6.35 -6.41
C GLU B 40 -4.99 6.91 -5.00
N THR B 41 -5.27 6.01 -4.06
CA THR B 41 -5.41 6.36 -2.65
C THR B 41 -4.03 6.68 -2.07
N VAL B 42 -3.93 7.82 -1.38
CA VAL B 42 -2.67 8.23 -0.79
C VAL B 42 -2.84 8.31 0.72
N TRP B 43 -2.24 7.36 1.45
CA TRP B 43 -2.34 7.34 2.90
C TRP B 43 -1.46 8.41 3.55
N ARG B 44 -2.01 9.15 4.51
CA ARG B 44 -1.27 10.22 5.17
C ARG B 44 0.02 9.70 5.80
N LEU B 45 -0.06 8.51 6.40
CA LEU B 45 1.10 7.85 6.97
C LEU B 45 1.18 6.49 6.28
N GLU B 46 2.37 6.15 5.78
CA GLU B 46 2.59 4.88 5.10
C GLU B 46 1.90 3.65 5.68
N GLU B 47 2.20 3.30 6.93
CA GLU B 47 1.60 2.11 7.51
C GLU B 47 0.08 2.00 7.48
N PHE B 48 -0.63 3.12 7.36
CA PHE B 48 -2.09 3.03 7.30
C PHE B 48 -2.43 2.09 6.15
N GLY B 49 -1.71 2.26 5.03
CA GLY B 49 -1.94 1.44 3.86
C GLY B 49 -1.74 -0.04 4.14
N ARG B 50 -0.94 -0.36 5.12
CA ARG B 50 -0.68 -1.75 5.48
C ARG B 50 -1.82 -2.38 6.27
N PHE B 51 -2.65 -1.56 6.90
CA PHE B 51 -3.73 -2.09 7.72
C PHE B 51 -5.11 -1.89 7.12
N ALA B 52 -5.18 -1.20 5.98
CA ALA B 52 -6.47 -0.96 5.35
C ALA B 52 -6.34 -0.54 3.90
N SER B 53 -7.48 -0.43 3.23
CA SER B 53 -7.50 -0.03 1.82
C SER B 53 -8.78 0.72 1.50
N PHE B 54 -8.80 1.32 0.31
CA PHE B 54 -9.96 2.06 -0.18
C PHE B 54 -9.89 2.12 -1.70
N GLU B 55 -10.97 1.72 -2.37
CA GLU B 55 -11.00 1.75 -3.83
C GLU B 55 -11.11 3.21 -4.32
N ALA B 56 -9.97 3.74 -4.77
CA ALA B 56 -9.87 5.12 -5.24
C ALA B 56 -10.90 5.48 -6.31
N GLN B 57 -11.36 4.47 -7.06
CA GLN B 57 -12.33 4.71 -8.11
C GLN B 57 -13.66 5.21 -7.54
N GLY B 58 -14.00 4.77 -6.34
CA GLY B 58 -15.25 5.21 -5.72
C GLY B 58 -15.26 6.71 -5.51
N ALA B 59 -14.10 7.27 -5.19
CA ALA B 59 -13.99 8.70 -4.97
C ALA B 59 -14.17 9.43 -6.29
N LEU B 60 -13.51 8.95 -7.34
CA LEU B 60 -13.63 9.57 -8.65
C LEU B 60 -15.11 9.72 -9.02
N ALA B 61 -15.89 8.71 -8.65
CA ALA B 61 -17.33 8.68 -8.93
C ALA B 61 -18.08 9.73 -8.15
N ASN B 62 -17.73 9.88 -6.89
CA ASN B 62 -18.37 10.87 -6.04
C ASN B 62 -18.02 12.27 -6.54
N ILE B 63 -16.81 12.46 -7.05
CA ILE B 63 -16.44 13.79 -7.53
C ILE B 63 -17.21 14.16 -8.81
N ALA B 64 -17.36 13.22 -9.74
CA ALA B 64 -18.11 13.52 -10.96
C ALA B 64 -19.50 14.05 -10.58
N VAL B 65 -20.10 13.47 -9.55
CA VAL B 65 -21.41 13.93 -9.08
C VAL B 65 -21.30 15.30 -8.38
N ASP B 66 -20.23 15.49 -7.59
CA ASP B 66 -20.04 16.77 -6.90
C ASP B 66 -19.91 17.91 -7.93
N LYS B 67 -19.11 17.67 -8.96
CA LYS B 67 -18.89 18.65 -10.03
C LYS B 67 -20.24 18.99 -10.68
N ALA B 68 -21.02 17.97 -11.04
CA ALA B 68 -22.31 18.21 -11.67
C ALA B 68 -23.23 18.98 -10.71
N ASN B 69 -23.12 18.69 -9.42
CA ASN B 69 -23.96 19.37 -8.44
C ASN B 69 -23.55 20.83 -8.21
N LEU B 70 -22.26 21.12 -8.35
CA LEU B 70 -21.79 22.50 -8.18
C LEU B 70 -22.41 23.36 -9.29
N GLU B 71 -22.40 22.85 -10.52
CA GLU B 71 -23.00 23.59 -11.61
C GLU B 71 -24.45 23.94 -11.30
N ILE B 72 -25.20 22.97 -10.76
CA ILE B 72 -26.60 23.19 -10.40
C ILE B 72 -26.77 24.30 -9.36
N MET B 73 -25.98 24.22 -8.28
CA MET B 73 -26.04 25.22 -7.22
C MET B 73 -25.58 26.60 -7.69
N THR B 74 -24.57 26.62 -8.54
CA THR B 74 -24.07 27.89 -9.08
C THR B 74 -25.26 28.61 -9.76
N LYS B 75 -25.95 27.90 -10.65
CA LYS B 75 -27.09 28.49 -11.34
C LYS B 75 -28.27 28.73 -10.39
N ARG B 76 -28.47 27.81 -9.45
CA ARG B 76 -29.58 27.98 -8.52
C ARG B 76 -29.42 29.22 -7.65
N SER B 77 -28.19 29.54 -7.27
CA SER B 77 -27.95 30.71 -6.44
C SER B 77 -27.95 32.00 -7.26
N ASN B 78 -28.26 31.89 -8.55
CA ASN B 78 -28.22 33.05 -9.44
C ASN B 78 -26.76 33.54 -9.51
N TYR B 79 -25.88 32.56 -9.70
CA TYR B 79 -24.46 32.81 -9.86
C TYR B 79 -23.77 33.60 -8.75
N THR B 80 -24.11 33.29 -7.51
CA THR B 80 -23.52 33.94 -6.36
C THR B 80 -22.16 33.27 -6.12
N PRO B 81 -21.06 34.04 -6.23
CA PRO B 81 -19.70 33.50 -6.03
C PRO B 81 -19.31 33.48 -4.57
N ILE B 82 -18.26 32.72 -4.25
CA ILE B 82 -17.82 32.63 -2.86
C ILE B 82 -17.09 33.89 -2.46
N THR B 83 -17.11 34.23 -1.17
CA THR B 83 -16.38 35.41 -0.71
C THR B 83 -15.02 34.93 -0.20
N ASN B 84 -13.92 35.51 -0.68
CA ASN B 84 -12.57 35.11 -0.24
C ASN B 84 -12.33 35.40 1.22
N VAL B 85 -11.79 34.42 1.95
CA VAL B 85 -11.47 34.64 3.36
C VAL B 85 -9.95 34.40 3.45
N PRO B 86 -9.15 35.44 3.75
CA PRO B 86 -7.70 35.23 3.82
C PRO B 86 -7.28 34.38 5.00
N PRO B 87 -6.16 33.66 4.84
CA PRO B 87 -5.63 32.79 5.88
C PRO B 87 -4.77 33.45 6.93
N GLU B 88 -4.74 32.76 8.08
CA GLU B 88 -3.89 33.09 9.22
C GLU B 88 -2.74 32.15 8.90
N VAL B 89 -1.52 32.61 9.05
CA VAL B 89 -0.35 31.79 8.77
C VAL B 89 0.58 31.81 9.99
N THR B 90 1.07 30.64 10.38
CA THR B 90 1.94 30.53 11.55
C THR B 90 3.07 29.57 11.22
N VAL B 91 4.29 29.97 11.55
CA VAL B 91 5.45 29.12 11.33
C VAL B 91 6.04 28.65 12.67
N LEU B 92 6.32 27.36 12.78
CA LEU B 92 6.90 26.81 14.00
C LEU B 92 7.68 25.55 13.63
N THR B 93 8.48 25.04 14.54
CA THR B 93 9.22 23.82 14.28
C THR B 93 8.49 22.66 14.95
N ASN B 94 8.73 21.42 14.53
CA ASN B 94 7.97 20.41 15.22
C ASN B 94 8.58 20.02 16.56
N SER B 95 9.75 20.59 16.87
CA SER B 95 10.40 20.34 18.16
C SER B 95 11.41 21.43 18.49
N PRO B 96 11.87 21.50 19.76
CA PRO B 96 12.85 22.54 20.12
C PRO B 96 14.11 22.44 19.25
N VAL B 97 14.61 23.57 18.76
CA VAL B 97 15.77 23.55 17.88
C VAL B 97 17.12 23.59 18.56
N GLU B 98 17.97 22.66 18.16
CA GLU B 98 19.32 22.53 18.69
C GLU B 98 20.25 22.72 17.52
N LEU B 99 21.22 23.64 17.66
CA LEU B 99 22.17 23.91 16.59
C LEU B 99 22.61 22.62 15.93
N ARG B 100 22.61 22.65 14.61
CA ARG B 100 22.95 21.51 13.77
C ARG B 100 22.41 20.14 14.21
N GLU B 101 21.09 20.07 14.39
CA GLU B 101 20.40 18.82 14.75
C GLU B 101 19.11 18.85 13.91
N PRO B 102 18.88 17.83 13.07
CA PRO B 102 17.70 17.75 12.19
C PRO B 102 16.38 18.13 12.86
N ASN B 103 15.61 19.01 12.23
CA ASN B 103 14.33 19.46 12.76
C ASN B 103 13.43 19.68 11.55
N VAL B 104 12.23 20.21 11.77
CA VAL B 104 11.30 20.45 10.67
C VAL B 104 10.51 21.74 10.87
N LEU B 105 10.56 22.62 9.86
CA LEU B 105 9.79 23.89 9.89
C LEU B 105 8.37 23.59 9.38
N ILE B 106 7.39 24.06 10.12
CA ILE B 106 6.00 23.84 9.76
C ILE B 106 5.33 25.17 9.47
N CYS B 107 4.66 25.25 8.33
CA CYS B 107 3.93 26.46 7.98
C CYS B 107 2.46 26.06 7.99
N PHE B 108 1.73 26.58 8.97
CA PHE B 108 0.31 26.28 9.14
C PHE B 108 -0.53 27.43 8.59
N ILE B 109 -1.32 27.10 7.56
CA ILE B 109 -2.21 28.05 6.86
C ILE B 109 -3.60 27.63 7.28
N ASP B 110 -4.32 28.56 7.89
CA ASP B 110 -5.62 28.24 8.49
C ASP B 110 -6.73 29.26 8.22
N LYS B 111 -7.98 28.82 8.40
CA LYS B 111 -9.16 29.68 8.23
C LYS B 111 -9.24 30.43 6.90
N PHE B 112 -9.07 29.74 5.79
CA PHE B 112 -9.18 30.44 4.53
C PHE B 112 -10.09 29.68 3.59
N THR B 113 -10.59 30.39 2.57
CA THR B 113 -11.40 29.81 1.53
C THR B 113 -11.41 30.85 0.41
N PRO B 114 -11.48 30.43 -0.87
CA PRO B 114 -11.57 29.06 -1.42
C PRO B 114 -10.31 28.27 -1.24
N PRO B 115 -10.38 26.93 -1.41
CA PRO B 115 -9.17 26.10 -1.24
C PRO B 115 -8.20 26.15 -2.42
N VAL B 116 -7.49 27.27 -2.54
CA VAL B 116 -6.50 27.49 -3.58
C VAL B 116 -5.52 28.41 -2.92
N VAL B 117 -4.27 27.97 -2.83
CA VAL B 117 -3.28 28.78 -2.17
C VAL B 117 -1.91 28.47 -2.76
N ASN B 118 -0.98 29.41 -2.64
CA ASN B 118 0.38 29.20 -3.11
C ASN B 118 1.30 29.37 -1.92
N VAL B 119 2.11 28.36 -1.65
CA VAL B 119 3.00 28.43 -0.51
C VAL B 119 4.43 28.16 -0.96
N THR B 120 5.36 29.00 -0.52
CA THR B 120 6.76 28.83 -0.88
C THR B 120 7.70 29.06 0.29
N TRP B 121 8.62 28.13 0.50
CA TRP B 121 9.60 28.28 1.59
C TRP B 121 10.78 29.06 1.07
N LEU B 122 11.21 30.09 1.80
CA LEU B 122 12.36 30.91 1.42
C LEU B 122 13.48 30.88 2.48
N ARG B 123 14.69 30.55 2.03
CA ARG B 123 15.85 30.54 2.92
C ARG B 123 16.75 31.67 2.44
N ASN B 124 16.93 32.66 3.29
CA ASN B 124 17.73 33.82 2.95
C ASN B 124 17.20 34.36 1.63
N GLY B 125 15.91 34.68 1.62
CA GLY B 125 15.28 35.24 0.43
C GLY B 125 15.15 34.34 -0.79
N LYS B 126 15.81 33.19 -0.80
CA LYS B 126 15.72 32.30 -1.94
C LYS B 126 14.83 31.11 -1.66
N PRO B 127 14.05 30.68 -2.66
CA PRO B 127 13.13 29.56 -2.54
C PRO B 127 13.84 28.20 -2.43
N VAL B 128 13.33 27.35 -1.55
CA VAL B 128 13.90 26.02 -1.33
C VAL B 128 12.87 24.95 -1.71
N THR B 129 13.31 23.80 -2.18
CA THR B 129 12.37 22.79 -2.60
C THR B 129 12.71 21.38 -2.12
N THR B 130 14.00 21.12 -1.98
CA THR B 130 14.44 19.80 -1.55
C THR B 130 13.83 19.44 -0.21
N GLY B 131 13.27 18.24 -0.13
CA GLY B 131 12.67 17.78 1.12
C GLY B 131 11.29 18.28 1.49
N VAL B 132 10.82 19.36 0.87
CA VAL B 132 9.51 19.89 1.21
C VAL B 132 8.33 18.97 0.91
N SER B 133 7.28 19.09 1.72
CA SER B 133 6.06 18.31 1.53
C SER B 133 4.89 19.16 2.01
N GLU B 134 3.67 18.64 1.83
CA GLU B 134 2.46 19.38 2.20
C GLU B 134 1.27 18.44 2.24
N THR B 135 0.21 18.87 2.89
CA THR B 135 -0.99 18.08 3.00
C THR B 135 -1.99 18.67 2.03
N VAL B 136 -3.11 17.99 1.86
CA VAL B 136 -4.14 18.53 1.00
C VAL B 136 -4.91 19.50 1.90
N PHE B 137 -6.01 20.02 1.38
CA PHE B 137 -6.82 20.93 2.15
C PHE B 137 -7.63 20.18 3.20
N LEU B 138 -7.43 20.55 4.48
CA LEU B 138 -8.12 19.90 5.59
C LEU B 138 -9.35 20.71 5.99
N PRO B 139 -10.47 20.01 6.29
CA PRO B 139 -11.72 20.67 6.68
C PRO B 139 -11.76 21.29 8.07
N ARG B 140 -12.63 22.29 8.24
CA ARG B 140 -12.83 22.96 9.52
C ARG B 140 -14.35 22.99 9.72
N GLU B 141 -14.78 23.03 10.98
CA GLU B 141 -16.21 23.05 11.26
C GLU B 141 -16.89 24.31 10.73
N ASP B 142 -16.14 25.40 10.60
CA ASP B 142 -16.75 26.62 10.04
C ASP B 142 -16.73 26.54 8.51
N HIS B 143 -16.27 25.41 7.98
CA HIS B 143 -16.21 25.17 6.54
C HIS B 143 -15.15 25.91 5.76
N LEU B 144 -14.18 26.47 6.50
CA LEU B 144 -13.03 27.10 5.87
C LEU B 144 -12.07 25.90 5.80
N PHE B 145 -10.82 26.15 5.47
CA PHE B 145 -9.84 25.08 5.33
C PHE B 145 -8.55 25.32 6.10
N ARG B 146 -7.81 24.23 6.29
CA ARG B 146 -6.51 24.23 6.99
C ARG B 146 -5.55 23.52 6.05
N LYS B 147 -4.27 23.86 6.15
CA LYS B 147 -3.30 23.20 5.30
C LYS B 147 -1.93 23.25 5.96
N PHE B 148 -1.14 22.18 5.81
CA PHE B 148 0.21 22.20 6.38
C PHE B 148 1.31 22.02 5.31
N HIS B 149 2.38 22.80 5.44
CA HIS B 149 3.54 22.68 4.57
C HIS B 149 4.74 22.45 5.49
N TYR B 150 5.65 21.58 5.06
CA TYR B 150 6.82 21.25 5.86
C TYR B 150 8.14 21.38 5.14
N LEU B 151 9.15 21.81 5.88
CA LEU B 151 10.51 21.95 5.35
C LEU B 151 11.56 21.39 6.30
N PRO B 152 12.03 20.15 6.08
CA PRO B 152 13.06 19.57 6.94
C PRO B 152 14.29 20.44 6.80
N PHE B 153 14.95 20.79 7.91
CA PHE B 153 16.14 21.60 7.81
C PHE B 153 17.18 21.27 8.88
N LEU B 154 18.33 21.95 8.80
CA LEU B 154 19.41 21.75 9.74
C LEU B 154 19.62 23.14 10.33
N PRO B 155 19.27 23.31 11.61
CA PRO B 155 19.37 24.56 12.36
C PRO B 155 20.71 25.25 12.23
N SER B 156 20.65 26.55 12.00
CA SER B 156 21.84 27.37 11.81
C SER B 156 21.60 28.70 12.46
N THR B 157 22.67 29.34 12.91
CA THR B 157 22.58 30.64 13.55
C THR B 157 22.52 31.77 12.54
N GLU B 158 22.97 31.52 11.32
CA GLU B 158 22.99 32.54 10.26
C GLU B 158 21.74 32.64 9.38
N ASP B 159 21.11 31.51 9.11
CA ASP B 159 19.94 31.48 8.23
C ASP B 159 18.64 32.08 8.68
N VAL B 160 17.93 32.66 7.72
CA VAL B 160 16.62 33.26 7.96
C VAL B 160 15.63 32.62 6.99
N TYR B 161 14.52 32.11 7.53
CA TYR B 161 13.51 31.46 6.72
C TYR B 161 12.20 32.23 6.68
N ASP B 162 11.43 31.99 5.62
CA ASP B 162 10.13 32.62 5.41
C ASP B 162 9.17 31.61 4.81
N CYS B 163 7.91 31.70 5.20
CA CYS B 163 6.88 30.87 4.59
C CYS B 163 6.20 32.00 3.83
N ARG B 164 6.15 31.88 2.50
CA ARG B 164 5.54 32.91 1.66
C ARG B 164 4.20 32.38 1.18
N VAL B 165 3.12 33.06 1.54
CA VAL B 165 1.78 32.57 1.16
C VAL B 165 0.98 33.56 0.31
N GLU B 166 0.34 33.05 -0.73
CA GLU B 166 -0.49 33.87 -1.60
C GLU B 166 -1.89 33.25 -1.68
N HIS B 167 -2.90 34.11 -1.57
CA HIS B 167 -4.32 33.70 -1.61
C HIS B 167 -5.13 34.87 -2.15
N TRP B 168 -6.23 34.60 -2.84
CA TRP B 168 -7.04 35.70 -3.40
C TRP B 168 -7.51 36.68 -2.34
N GLY B 169 -7.64 36.23 -1.10
CA GLY B 169 -8.08 37.15 -0.05
C GLY B 169 -6.99 38.09 0.45
N LEU B 170 -5.76 37.88 -0.01
CA LEU B 170 -4.64 38.73 0.39
C LEU B 170 -4.28 39.70 -0.75
N ASP B 171 -4.00 40.96 -0.39
CA ASP B 171 -3.65 41.98 -1.39
C ASP B 171 -2.22 41.81 -1.88
N GLU B 172 -1.39 41.15 -1.08
CA GLU B 172 -0.01 40.92 -1.44
C GLU B 172 0.48 39.65 -0.76
N PRO B 173 1.62 39.12 -1.23
CA PRO B 173 2.19 37.92 -0.65
C PRO B 173 2.38 38.09 0.85
N LEU B 174 2.04 37.08 1.63
CA LEU B 174 2.18 37.18 3.08
C LEU B 174 3.40 36.36 3.49
N LEU B 175 4.35 37.02 4.13
CA LEU B 175 5.57 36.34 4.58
C LEU B 175 5.67 36.25 6.08
N LYS B 176 5.92 35.05 6.55
CA LYS B 176 6.08 34.81 7.97
C LYS B 176 7.50 34.29 8.11
N GLN B 177 8.29 35.05 8.85
CA GLN B 177 9.69 34.72 9.04
C GLN B 177 9.99 33.91 10.29
N TRP B 178 11.07 33.13 10.21
CA TRP B 178 11.55 32.32 11.34
C TRP B 178 13.07 32.25 11.26
N GLU B 179 13.71 32.29 12.42
CA GLU B 179 15.18 32.17 12.53
C GLU B 179 15.57 31.74 13.94
N PHE B 180 16.71 31.06 14.02
CA PHE B 180 17.27 30.57 15.28
C PHE B 180 17.87 31.74 16.04
N ASP B 181 17.60 31.83 17.33
CA ASP B 181 18.17 32.90 18.12
C ASP B 181 18.86 32.42 19.40
N MET C 1 21.26 -19.77 -39.79
CA MET C 1 20.95 -18.45 -39.15
C MET C 1 22.15 -17.52 -39.33
N GLY C 2 23.29 -18.11 -39.62
CA GLY C 2 24.50 -17.34 -39.82
C GLY C 2 25.28 -17.05 -38.54
N ASP C 3 26.57 -16.75 -38.75
CA ASP C 3 27.52 -16.43 -37.69
C ASP C 3 27.69 -17.61 -36.72
N THR C 4 28.45 -18.62 -37.12
CA THR C 4 28.67 -19.77 -36.27
C THR C 4 29.90 -19.65 -35.39
N ARG C 5 30.36 -18.44 -35.11
CA ARG C 5 31.48 -18.29 -34.20
C ARG C 5 31.04 -18.91 -32.86
N PRO C 6 31.95 -19.68 -32.20
CA PRO C 6 31.60 -20.28 -30.91
C PRO C 6 31.17 -19.18 -29.91
N ARG C 7 30.25 -19.51 -28.99
CA ARG C 7 29.76 -18.51 -28.02
C ARG C 7 30.23 -18.85 -26.61
N PHE C 8 30.34 -17.82 -25.76
CA PHE C 8 30.76 -17.97 -24.37
C PHE C 8 29.79 -17.19 -23.49
N LEU C 9 29.16 -17.91 -22.57
CA LEU C 9 28.14 -17.30 -21.72
C LEU C 9 28.43 -17.32 -20.23
N TRP C 10 28.13 -16.22 -19.57
CA TRP C 10 28.32 -16.16 -18.12
C TRP C 10 27.02 -15.64 -17.50
N GLN C 11 26.49 -16.36 -16.52
CA GLN C 11 25.25 -15.94 -15.85
C GLN C 11 25.48 -15.81 -14.35
N LEU C 12 24.75 -14.90 -13.74
CA LEU C 12 24.81 -14.69 -12.29
C LEU C 12 23.36 -14.67 -11.81
N LYS C 13 23.08 -15.43 -10.76
CA LYS C 13 21.73 -15.47 -10.22
C LYS C 13 21.72 -15.31 -8.69
N PHE C 14 20.89 -14.40 -8.21
CA PHE C 14 20.73 -14.22 -6.77
C PHE C 14 19.28 -14.61 -6.51
N GLU C 15 19.08 -15.79 -5.93
CA GLU C 15 17.75 -16.32 -5.65
C GLU C 15 17.36 -16.16 -4.19
N CYS C 16 16.25 -15.48 -3.95
CA CYS C 16 15.74 -15.30 -2.61
C CYS C 16 14.50 -16.19 -2.49
N HIS C 17 14.62 -17.23 -1.65
CA HIS C 17 13.54 -18.18 -1.43
C HIS C 17 12.85 -17.88 -0.10
N PHE C 18 11.53 -17.65 -0.16
CA PHE C 18 10.75 -17.30 1.01
C PHE C 18 9.79 -18.38 1.43
N PHE C 19 9.76 -18.64 2.73
CA PHE C 19 8.87 -19.63 3.31
C PHE C 19 8.01 -18.95 4.38
N ASN C 20 6.70 -19.10 4.26
CA ASN C 20 5.75 -18.50 5.20
C ASN C 20 6.04 -17.02 5.37
N GLY C 21 5.74 -16.24 4.33
CA GLY C 21 6.01 -14.82 4.38
C GLY C 21 7.52 -14.68 4.36
N THR C 22 8.07 -13.98 5.37
CA THR C 22 9.51 -13.79 5.45
C THR C 22 10.08 -14.47 6.70
N GLU C 23 9.30 -15.40 7.23
CA GLU C 23 9.71 -16.15 8.42
C GLU C 23 11.00 -16.89 8.18
N ARG C 24 11.09 -17.58 7.05
CA ARG C 24 12.31 -18.29 6.71
C ARG C 24 12.72 -17.87 5.31
N VAL C 25 13.96 -17.41 5.19
CA VAL C 25 14.48 -16.95 3.93
C VAL C 25 15.83 -17.62 3.68
N ARG C 26 16.06 -18.00 2.44
CA ARG C 26 17.32 -18.63 2.05
C ARG C 26 17.84 -17.92 0.80
N LEU C 27 19.06 -17.41 0.88
CA LEU C 27 19.68 -16.72 -0.24
C LEU C 27 20.66 -17.66 -0.95
N LEU C 28 20.48 -17.82 -2.25
CA LEU C 28 21.34 -18.68 -3.04
C LEU C 28 21.91 -17.87 -4.21
N GLU C 29 23.22 -17.66 -4.16
CA GLU C 29 23.94 -16.89 -5.17
C GLU C 29 24.70 -17.87 -6.04
N ARG C 30 24.48 -17.82 -7.35
CA ARG C 30 25.17 -18.75 -8.23
C ARG C 30 25.77 -18.18 -9.49
N CYS C 31 26.89 -18.78 -9.88
CA CYS C 31 27.63 -18.40 -11.07
C CYS C 31 27.62 -19.58 -12.02
N ILE C 32 27.25 -19.29 -13.25
CA ILE C 32 27.14 -20.34 -14.26
C ILE C 32 27.91 -19.94 -15.50
N TYR C 33 28.85 -20.80 -15.90
CA TYR C 33 29.65 -20.60 -17.11
C TYR C 33 29.03 -21.56 -18.09
N ASN C 34 28.62 -21.01 -19.23
CA ASN C 34 27.96 -21.76 -20.28
C ASN C 34 26.73 -22.42 -19.66
N GLN C 35 26.69 -23.72 -19.46
CA GLN C 35 25.50 -24.25 -18.81
C GLN C 35 25.87 -24.90 -17.47
N GLU C 36 27.09 -24.61 -17.01
CA GLU C 36 27.59 -25.20 -15.79
C GLU C 36 27.78 -24.27 -14.59
N GLU C 37 27.03 -24.53 -13.52
CA GLU C 37 27.15 -23.75 -12.29
C GLU C 37 28.51 -24.16 -11.73
N SER C 38 29.36 -23.18 -11.45
CA SER C 38 30.70 -23.46 -10.95
C SER C 38 30.91 -23.22 -9.45
N VAL C 39 30.25 -22.19 -8.92
CA VAL C 39 30.41 -21.82 -7.52
C VAL C 39 29.12 -21.15 -7.06
N ARG C 40 28.85 -21.22 -5.76
CA ARG C 40 27.64 -20.60 -5.17
C ARG C 40 27.82 -20.21 -3.72
N PHE C 41 26.92 -19.37 -3.24
CA PHE C 41 26.86 -18.97 -1.85
C PHE C 41 25.44 -19.34 -1.40
N ASP C 42 25.34 -20.25 -0.43
CA ASP C 42 24.05 -20.69 0.10
C ASP C 42 23.99 -20.16 1.53
N SER C 43 23.01 -19.30 1.83
CA SER C 43 22.91 -18.71 3.17
C SER C 43 22.83 -19.77 4.28
N ASP C 44 22.27 -20.94 3.97
CA ASP C 44 22.19 -21.99 4.96
C ASP C 44 23.57 -22.59 5.24
N VAL C 45 24.48 -22.41 4.31
CA VAL C 45 25.85 -22.90 4.48
C VAL C 45 26.68 -21.78 5.11
N GLY C 46 26.50 -20.55 4.65
CA GLY C 46 27.25 -19.44 5.23
C GLY C 46 28.54 -19.00 4.54
N GLU C 47 28.95 -19.71 3.49
CA GLU C 47 30.17 -19.35 2.78
C GLU C 47 30.09 -19.89 1.35
N TYR C 48 30.99 -19.43 0.47
CA TYR C 48 30.98 -19.92 -0.91
C TYR C 48 31.51 -21.35 -0.97
N ARG C 49 30.95 -22.12 -1.89
CA ARG C 49 31.38 -23.49 -2.11
C ARG C 49 31.47 -23.69 -3.63
N ALA C 50 32.59 -24.24 -4.09
CA ALA C 50 32.76 -24.48 -5.52
C ALA C 50 31.83 -25.63 -5.84
N VAL C 51 31.16 -25.56 -6.99
CA VAL C 51 30.24 -26.61 -7.41
C VAL C 51 31.01 -27.55 -8.34
N THR C 52 32.00 -27.00 -9.02
CA THR C 52 32.84 -27.77 -9.92
C THR C 52 34.25 -27.25 -9.72
N GLU C 53 35.23 -27.99 -10.22
CA GLU C 53 36.64 -27.60 -10.09
C GLU C 53 36.89 -26.19 -10.62
N LEU C 54 36.18 -25.83 -11.68
CA LEU C 54 36.34 -24.51 -12.30
C LEU C 54 36.05 -23.34 -11.38
N GLY C 55 35.20 -23.54 -10.37
CA GLY C 55 34.88 -22.44 -9.46
C GLY C 55 35.65 -22.44 -8.15
N ARG C 56 36.54 -23.41 -7.98
CA ARG C 56 37.32 -23.53 -6.75
C ARG C 56 38.09 -22.24 -6.41
N PRO C 57 38.80 -21.66 -7.39
CA PRO C 57 39.56 -20.42 -7.18
C PRO C 57 38.71 -19.30 -6.59
N ASP C 58 37.47 -19.20 -7.06
CA ASP C 58 36.60 -18.14 -6.59
C ASP C 58 36.07 -18.34 -5.17
N ALA C 59 35.65 -19.56 -4.86
CA ALA C 59 35.14 -19.85 -3.53
C ALA C 59 36.21 -19.55 -2.47
N GLU C 60 37.44 -19.99 -2.73
CA GLU C 60 38.54 -19.76 -1.82
C GLU C 60 38.85 -18.26 -1.71
N TYR C 61 38.93 -17.60 -2.84
CA TYR C 61 39.22 -16.17 -2.83
C TYR C 61 38.15 -15.35 -2.13
N TRP C 62 36.88 -15.58 -2.49
CA TRP C 62 35.80 -14.82 -1.88
C TRP C 62 35.68 -15.10 -0.38
N ASN C 63 35.88 -16.37 -0.01
CA ASN C 63 35.77 -16.74 1.38
C ASN C 63 36.88 -16.09 2.21
N SER C 64 37.99 -15.79 1.57
CA SER C 64 39.09 -15.15 2.27
C SER C 64 38.70 -13.70 2.58
N GLN C 65 37.65 -13.21 1.92
CA GLN C 65 37.18 -11.85 2.14
C GLN C 65 36.09 -11.83 3.20
N LYS C 66 36.49 -11.77 4.46
CA LYS C 66 35.53 -11.77 5.56
C LYS C 66 34.49 -10.65 5.50
N ASP C 67 34.84 -9.52 4.90
CA ASP C 67 33.84 -8.43 4.81
C ASP C 67 32.74 -8.82 3.81
N LEU C 68 33.15 -9.44 2.70
CA LEU C 68 32.20 -9.87 1.68
C LEU C 68 31.28 -10.91 2.30
N LEU C 69 31.87 -11.83 3.05
CA LEU C 69 31.12 -12.89 3.68
C LEU C 69 30.05 -12.32 4.61
N GLU C 70 30.42 -11.33 5.42
CA GLU C 70 29.45 -10.76 6.35
C GLU C 70 28.36 -10.02 5.60
N GLN C 71 28.71 -9.35 4.50
CA GLN C 71 27.70 -8.64 3.72
C GLN C 71 26.71 -9.68 3.17
N ARG C 72 27.25 -10.76 2.61
CA ARG C 72 26.41 -11.81 2.05
C ARG C 72 25.53 -12.47 3.10
N ARG C 73 26.06 -12.60 4.32
CA ARG C 73 25.30 -13.22 5.41
C ARG C 73 24.16 -12.34 5.92
N ALA C 74 24.29 -11.02 5.79
CA ALA C 74 23.24 -10.12 6.24
C ALA C 74 22.22 -9.83 5.14
N ALA C 75 22.52 -10.29 3.92
CA ALA C 75 21.66 -10.03 2.76
C ALA C 75 20.26 -10.64 2.87
N VAL C 76 20.14 -11.75 3.57
CA VAL C 76 18.84 -12.36 3.72
C VAL C 76 17.86 -11.29 4.23
N ASP C 77 18.41 -10.28 4.90
CA ASP C 77 17.59 -9.19 5.45
C ASP C 77 17.63 -7.93 4.60
N THR C 78 18.84 -7.44 4.35
CA THR C 78 19.05 -6.21 3.60
C THR C 78 18.67 -6.31 2.11
N TYR C 79 18.64 -7.53 1.59
CA TYR C 79 18.33 -7.73 0.18
C TYR C 79 17.01 -8.46 0.01
N CYS C 80 16.99 -9.73 0.39
CA CYS C 80 15.78 -10.54 0.27
C CYS C 80 14.53 -9.97 0.95
N ARG C 81 14.54 -9.85 2.28
CA ARG C 81 13.35 -9.35 2.96
C ARG C 81 13.01 -7.95 2.50
N HIS C 82 14.03 -7.16 2.23
CA HIS C 82 13.76 -5.80 1.77
C HIS C 82 13.01 -5.81 0.44
N ASN C 83 13.51 -6.58 -0.53
CA ASN C 83 12.86 -6.60 -1.84
C ASN C 83 11.48 -7.26 -1.80
N TYR C 84 11.28 -8.21 -0.90
CA TYR C 84 9.99 -8.86 -0.77
C TYR C 84 8.93 -7.84 -0.37
N GLY C 85 9.27 -6.99 0.60
CA GLY C 85 8.36 -5.96 1.07
C GLY C 85 8.12 -4.90 0.02
N VAL C 86 9.14 -4.60 -0.78
CA VAL C 86 9.01 -3.59 -1.82
C VAL C 86 7.89 -3.84 -2.83
N GLY C 87 7.74 -5.08 -3.27
CA GLY C 87 6.71 -5.36 -4.25
C GLY C 87 5.61 -6.26 -3.73
N GLU C 88 5.55 -6.46 -2.42
CA GLU C 88 4.53 -7.34 -1.87
C GLU C 88 3.12 -6.97 -2.36
N SER C 89 2.85 -5.69 -2.53
CA SER C 89 1.51 -5.27 -2.92
C SER C 89 1.08 -5.63 -4.34
N PHE C 90 2.02 -5.69 -5.30
CA PHE C 90 1.62 -6.03 -6.67
C PHE C 90 2.16 -7.38 -7.15
N THR C 91 2.71 -8.16 -6.21
CA THR C 91 3.22 -9.49 -6.52
C THR C 91 2.53 -10.52 -5.60
N VAL C 92 3.01 -10.65 -4.38
CA VAL C 92 2.42 -11.58 -3.42
C VAL C 92 0.92 -11.34 -3.30
N GLN C 93 0.50 -10.08 -3.34
CA GLN C 93 -0.91 -9.77 -3.18
C GLN C 93 -1.70 -9.56 -4.48
N ARG C 94 -1.09 -9.88 -5.62
CA ARG C 94 -1.78 -9.71 -6.91
C ARG C 94 -2.86 -10.77 -7.03
N ARG C 95 -4.03 -10.37 -7.51
CA ARG C 95 -5.15 -11.28 -7.69
C ARG C 95 -5.94 -10.87 -8.92
N VAL C 96 -6.11 -11.80 -9.85
CA VAL C 96 -6.88 -11.53 -11.06
C VAL C 96 -7.80 -12.74 -11.18
N GLU C 97 -9.08 -12.47 -11.33
CA GLU C 97 -10.07 -13.53 -11.40
C GLU C 97 -10.04 -14.31 -12.71
N PRO C 98 -10.17 -15.62 -12.65
CA PRO C 98 -10.17 -16.41 -13.88
C PRO C 98 -11.45 -16.26 -14.68
N LYS C 99 -11.32 -16.35 -15.99
CA LYS C 99 -12.46 -16.32 -16.88
C LYS C 99 -12.64 -17.83 -17.10
N VAL C 100 -13.86 -18.32 -16.98
CA VAL C 100 -14.13 -19.76 -17.12
C VAL C 100 -15.15 -20.04 -18.20
N THR C 101 -14.81 -20.89 -19.16
CA THR C 101 -15.76 -21.23 -20.18
C THR C 101 -15.76 -22.75 -20.36
N VAL C 102 -16.89 -23.28 -20.79
CA VAL C 102 -16.99 -24.70 -21.02
C VAL C 102 -17.52 -24.91 -22.44
N TYR C 103 -16.94 -25.89 -23.13
CA TYR C 103 -17.38 -26.21 -24.47
C TYR C 103 -17.07 -27.67 -24.79
N PRO C 104 -17.91 -28.30 -25.62
CA PRO C 104 -17.59 -29.69 -25.94
C PRO C 104 -16.47 -29.68 -26.98
N SER C 105 -15.56 -30.65 -26.90
CA SER C 105 -14.45 -30.68 -27.84
C SER C 105 -14.90 -30.88 -29.27
N LYS C 106 -14.47 -29.98 -30.16
CA LYS C 106 -14.82 -30.07 -31.57
C LYS C 106 -14.22 -31.32 -32.19
N THR C 107 -13.30 -31.94 -31.45
CA THR C 107 -12.67 -33.15 -31.91
C THR C 107 -13.16 -34.32 -31.06
N GLN C 108 -13.76 -35.29 -31.72
CA GLN C 108 -14.28 -36.47 -31.03
C GLN C 108 -13.85 -37.76 -31.69
N PRO C 109 -12.78 -38.37 -31.17
CA PRO C 109 -12.27 -39.61 -31.72
C PRO C 109 -13.34 -40.66 -31.99
N LEU C 110 -14.37 -40.70 -31.17
CA LEU C 110 -15.43 -41.66 -31.35
C LEU C 110 -16.76 -41.19 -30.79
N GLN C 111 -17.78 -41.12 -31.63
CA GLN C 111 -19.09 -40.69 -31.20
C GLN C 111 -19.60 -41.46 -29.99
N HIS C 112 -20.79 -41.10 -29.51
CA HIS C 112 -21.33 -41.77 -28.34
C HIS C 112 -20.74 -41.17 -27.08
N HIS C 113 -19.41 -41.20 -26.99
CA HIS C 113 -18.69 -40.64 -25.86
C HIS C 113 -18.67 -39.13 -26.10
N ASN C 114 -17.70 -38.45 -25.51
CA ASN C 114 -17.55 -37.01 -25.69
C ASN C 114 -16.52 -36.46 -24.72
N LEU C 115 -16.12 -35.23 -24.99
CA LEU C 115 -15.14 -34.57 -24.15
C LEU C 115 -15.59 -33.16 -23.87
N LEU C 116 -15.75 -32.84 -22.59
CA LEU C 116 -16.15 -31.50 -22.21
C LEU C 116 -14.87 -30.80 -21.76
N VAL C 117 -14.66 -29.59 -22.24
CA VAL C 117 -13.48 -28.83 -21.90
C VAL C 117 -13.84 -27.65 -21.02
N CYS C 118 -13.14 -27.53 -19.89
CA CYS C 118 -13.35 -26.40 -19.03
C CYS C 118 -12.05 -25.61 -19.16
N SER C 119 -12.15 -24.44 -19.78
CA SER C 119 -11.03 -23.54 -19.99
C SER C 119 -11.04 -22.50 -18.88
N VAL C 120 -9.92 -22.37 -18.18
CA VAL C 120 -9.85 -21.41 -17.08
C VAL C 120 -8.66 -20.56 -17.44
N SER C 121 -8.91 -19.27 -17.69
CA SER C 121 -7.80 -18.41 -18.12
C SER C 121 -7.71 -17.01 -17.54
N GLY C 122 -6.55 -16.39 -17.77
CA GLY C 122 -6.31 -15.02 -17.32
C GLY C 122 -6.20 -14.83 -15.81
N PHE C 123 -5.88 -15.88 -15.06
CA PHE C 123 -5.83 -15.72 -13.62
C PHE C 123 -4.46 -15.62 -12.97
N TYR C 124 -4.48 -15.13 -11.74
CA TYR C 124 -3.27 -14.98 -10.93
C TYR C 124 -3.70 -14.85 -9.48
N PRO C 125 -3.00 -15.52 -8.55
CA PRO C 125 -1.82 -16.40 -8.65
C PRO C 125 -2.14 -17.78 -9.20
N GLY C 126 -1.12 -18.65 -9.27
CA GLY C 126 -1.30 -19.97 -9.82
C GLY C 126 -2.20 -20.92 -9.06
N SER C 127 -2.19 -20.82 -7.73
CA SER C 127 -2.99 -21.70 -6.87
C SER C 127 -4.46 -21.72 -7.30
N ILE C 128 -4.97 -22.89 -7.69
CA ILE C 128 -6.36 -22.97 -8.13
C ILE C 128 -6.86 -24.43 -8.09
N GLU C 129 -8.17 -24.64 -8.06
CA GLU C 129 -8.74 -25.98 -8.02
C GLU C 129 -9.92 -25.97 -8.99
N VAL C 130 -9.89 -26.86 -9.96
CA VAL C 130 -10.95 -26.95 -10.96
C VAL C 130 -11.51 -28.34 -10.81
N ARG C 131 -12.82 -28.46 -10.64
CA ARG C 131 -13.49 -29.75 -10.46
C ARG C 131 -14.66 -29.88 -11.41
N TRP C 132 -14.92 -31.11 -11.82
CA TRP C 132 -16.06 -31.39 -12.68
C TRP C 132 -17.13 -32.11 -11.90
N PHE C 133 -18.39 -31.73 -12.15
CA PHE C 133 -19.55 -32.37 -11.51
C PHE C 133 -20.55 -32.83 -12.56
N ARG C 134 -21.27 -33.90 -12.22
CA ARG C 134 -22.32 -34.45 -13.09
C ARG C 134 -23.56 -34.56 -12.20
N ASN C 135 -24.57 -33.76 -12.49
CA ASN C 135 -25.78 -33.73 -11.69
C ASN C 135 -25.41 -33.44 -10.23
N GLY C 136 -24.40 -32.60 -10.03
CA GLY C 136 -24.01 -32.24 -8.68
C GLY C 136 -23.07 -33.16 -7.93
N GLN C 137 -22.77 -34.31 -8.52
CA GLN C 137 -21.86 -35.29 -7.94
C GLN C 137 -20.50 -35.16 -8.59
N GLU C 138 -19.45 -35.06 -7.78
CA GLU C 138 -18.12 -34.89 -8.34
C GLU C 138 -17.60 -36.03 -9.17
N GLU C 139 -17.08 -35.70 -10.34
CA GLU C 139 -16.48 -36.66 -11.29
C GLU C 139 -14.97 -36.66 -11.04
N LYS C 140 -14.42 -37.79 -10.65
CA LYS C 140 -12.98 -37.83 -10.39
C LYS C 140 -12.24 -38.63 -11.46
N ALA C 141 -12.86 -39.69 -11.96
CA ALA C 141 -12.23 -40.49 -13.00
C ALA C 141 -12.61 -39.83 -14.32
N GLY C 142 -11.85 -40.07 -15.38
CA GLY C 142 -12.20 -39.45 -16.65
C GLY C 142 -11.83 -37.98 -16.81
N VAL C 143 -11.17 -37.42 -15.80
CA VAL C 143 -10.75 -36.04 -15.84
C VAL C 143 -9.24 -35.94 -16.07
N VAL C 144 -8.81 -35.13 -17.04
CA VAL C 144 -7.37 -34.92 -17.24
C VAL C 144 -7.15 -33.41 -17.19
N SER C 145 -5.90 -32.99 -16.98
CA SER C 145 -5.60 -31.58 -16.89
C SER C 145 -4.24 -31.19 -17.44
N THR C 146 -4.16 -29.99 -18.00
CA THR C 146 -2.88 -29.51 -18.53
C THR C 146 -2.02 -28.99 -17.39
N GLY C 147 -2.61 -28.80 -16.22
CA GLY C 147 -1.82 -28.20 -15.17
C GLY C 147 -1.72 -26.71 -15.52
N LEU C 148 -0.91 -25.97 -14.76
CA LEU C 148 -0.75 -24.52 -14.96
C LEU C 148 0.14 -24.16 -16.15
N ILE C 149 -0.35 -23.23 -16.97
CA ILE C 149 0.41 -22.75 -18.11
C ILE C 149 0.65 -21.26 -17.86
N GLN C 150 1.88 -20.88 -17.62
CA GLN C 150 2.25 -19.51 -17.38
C GLN C 150 2.31 -18.78 -18.74
N ASN C 151 1.57 -17.69 -18.89
CA ASN C 151 1.54 -16.95 -20.17
C ASN C 151 2.63 -15.92 -20.36
N GLY C 152 3.44 -15.71 -19.33
CA GLY C 152 4.53 -14.76 -19.38
C GLY C 152 4.14 -13.32 -19.11
N ASP C 153 2.84 -13.07 -18.91
CA ASP C 153 2.37 -11.72 -18.65
C ASP C 153 1.69 -11.61 -17.30
N TRP C 154 2.13 -12.39 -16.32
CA TRP C 154 1.53 -12.37 -15.00
C TRP C 154 0.08 -12.89 -15.02
N THR C 155 -0.16 -13.86 -15.89
CA THR C 155 -1.47 -14.48 -16.04
C THR C 155 -1.23 -15.98 -16.33
N PHE C 156 -2.15 -16.83 -15.87
CA PHE C 156 -2.08 -18.29 -16.10
C PHE C 156 -3.35 -18.74 -16.81
N GLN C 157 -3.28 -19.93 -17.38
CA GLN C 157 -4.44 -20.58 -17.98
C GLN C 157 -4.26 -22.07 -17.74
N THR C 158 -5.36 -22.81 -17.82
CA THR C 158 -5.33 -24.25 -17.68
C THR C 158 -6.56 -24.79 -18.40
N LEU C 159 -6.49 -26.05 -18.81
CA LEU C 159 -7.59 -26.74 -19.48
C LEU C 159 -7.86 -28.01 -18.67
N VAL C 160 -9.11 -28.20 -18.24
CA VAL C 160 -9.48 -29.38 -17.44
C VAL C 160 -10.61 -30.04 -18.22
N MET C 161 -10.32 -31.24 -18.71
CA MET C 161 -11.24 -31.93 -19.58
C MET C 161 -11.87 -33.19 -19.00
N LEU C 162 -13.18 -33.31 -19.19
CA LEU C 162 -13.92 -34.47 -18.68
C LEU C 162 -14.38 -35.38 -19.80
N GLU C 163 -14.01 -36.65 -19.72
CA GLU C 163 -14.42 -37.62 -20.72
C GLU C 163 -15.79 -38.12 -20.28
N THR C 164 -16.81 -38.01 -21.13
CA THR C 164 -18.13 -38.48 -20.73
C THR C 164 -19.09 -38.94 -21.84
N VAL C 165 -20.08 -39.74 -21.44
CA VAL C 165 -21.09 -40.22 -22.37
C VAL C 165 -22.34 -39.50 -21.92
N PRO C 166 -22.53 -38.27 -22.43
CA PRO C 166 -23.69 -37.47 -22.06
C PRO C 166 -25.05 -38.02 -22.46
N ARG C 167 -26.00 -37.86 -21.54
CA ARG C 167 -27.38 -38.29 -21.74
C ARG C 167 -28.26 -37.08 -21.50
N SER C 168 -29.19 -36.86 -22.43
CA SER C 168 -30.11 -35.73 -22.34
C SER C 168 -30.65 -35.60 -20.91
N GLY C 169 -30.77 -34.37 -20.44
CA GLY C 169 -31.25 -34.18 -19.08
C GLY C 169 -30.15 -34.02 -18.05
N GLU C 170 -28.95 -34.48 -18.36
CA GLU C 170 -27.86 -34.36 -17.40
C GLU C 170 -27.32 -32.92 -17.33
N VAL C 171 -26.86 -32.54 -16.14
CA VAL C 171 -26.29 -31.22 -15.90
C VAL C 171 -24.83 -31.33 -15.45
N TYR C 172 -23.92 -30.84 -16.31
CA TYR C 172 -22.49 -30.89 -16.02
C TYR C 172 -22.01 -29.54 -15.51
N THR C 173 -21.15 -29.56 -14.51
CA THR C 173 -20.69 -28.33 -13.92
C THR C 173 -19.18 -28.27 -13.80
N CYS C 174 -18.58 -27.16 -14.19
CA CYS C 174 -17.14 -26.98 -13.99
C CYS C 174 -17.10 -25.97 -12.86
N GLN C 175 -16.34 -26.28 -11.82
CA GLN C 175 -16.27 -25.42 -10.66
C GLN C 175 -14.85 -24.98 -10.38
N VAL C 176 -14.67 -23.70 -10.11
CA VAL C 176 -13.33 -23.19 -9.89
C VAL C 176 -13.23 -22.44 -8.59
N GLU C 177 -12.20 -22.78 -7.80
CA GLU C 177 -11.93 -22.09 -6.56
C GLU C 177 -10.56 -21.45 -6.74
N HIS C 178 -10.47 -20.17 -6.42
CA HIS C 178 -9.22 -19.43 -6.61
C HIS C 178 -9.22 -18.29 -5.58
N PRO C 179 -8.03 -17.87 -5.10
CA PRO C 179 -7.93 -16.81 -4.10
C PRO C 179 -8.62 -15.50 -4.44
N SER C 180 -8.86 -15.26 -5.72
CA SER C 180 -9.51 -14.03 -6.16
C SER C 180 -11.02 -14.00 -5.88
N VAL C 181 -11.60 -15.14 -5.50
CA VAL C 181 -13.05 -15.14 -5.25
C VAL C 181 -13.36 -15.86 -3.95
N THR C 182 -14.41 -15.38 -3.29
CA THR C 182 -14.80 -15.94 -2.01
C THR C 182 -15.77 -17.12 -2.09
N SER C 183 -16.38 -17.28 -3.24
CA SER C 183 -17.32 -18.38 -3.49
C SER C 183 -16.87 -19.01 -4.78
N PRO C 184 -17.06 -20.31 -4.93
CA PRO C 184 -16.60 -20.87 -6.20
C PRO C 184 -17.35 -20.40 -7.43
N LEU C 185 -16.64 -20.32 -8.53
CA LEU C 185 -17.21 -19.93 -9.80
C LEU C 185 -17.70 -21.26 -10.39
N THR C 186 -18.83 -21.23 -11.09
CA THR C 186 -19.36 -22.44 -11.71
C THR C 186 -19.93 -22.06 -13.07
N VAL C 187 -19.78 -22.96 -14.03
CA VAL C 187 -20.30 -22.74 -15.37
C VAL C 187 -20.92 -24.08 -15.71
N GLU C 188 -22.16 -24.09 -16.17
CA GLU C 188 -22.74 -25.39 -16.47
C GLU C 188 -22.97 -25.61 -17.93
N TRP C 189 -23.02 -26.89 -18.28
CA TRP C 189 -23.26 -27.34 -19.62
C TRP C 189 -24.37 -28.37 -19.47
N ARG C 190 -25.47 -28.17 -20.19
CA ARG C 190 -26.61 -29.08 -20.10
C ARG C 190 -26.64 -29.95 -21.33
N ALA C 191 -26.60 -31.26 -21.14
CA ALA C 191 -26.64 -32.18 -22.26
C ALA C 191 -28.04 -32.21 -22.90
N MET D 1 -1.13 36.33 -6.77
CA MET D 1 -1.57 35.41 -7.87
C MET D 1 -2.52 36.19 -8.76
N GLY D 2 -2.79 35.65 -9.94
CA GLY D 2 -3.72 36.35 -10.80
C GLY D 2 -5.05 35.62 -10.76
N ASP D 3 -5.77 35.75 -11.87
CA ASP D 3 -7.05 35.11 -12.08
C ASP D 3 -8.06 35.47 -11.00
N THR D 4 -8.62 36.68 -11.08
CA THR D 4 -9.60 37.10 -10.10
C THR D 4 -11.05 36.78 -10.57
N ARG D 5 -11.22 35.80 -11.46
CA ARG D 5 -12.56 35.42 -11.88
C ARG D 5 -13.29 34.89 -10.64
N PRO D 6 -14.65 34.99 -10.63
CA PRO D 6 -15.40 34.51 -9.48
C PRO D 6 -15.28 33.00 -9.32
N ARG D 7 -15.29 32.54 -8.08
CA ARG D 7 -15.17 31.12 -7.75
C ARG D 7 -16.47 30.62 -7.11
N PHE D 8 -16.77 29.34 -7.32
CA PHE D 8 -17.97 28.73 -6.78
C PHE D 8 -17.53 27.41 -6.15
N LEU D 9 -17.83 27.25 -4.88
CA LEU D 9 -17.40 26.06 -4.14
C LEU D 9 -18.54 25.19 -3.62
N TRP D 10 -18.38 23.88 -3.76
CA TRP D 10 -19.37 22.92 -3.27
C TRP D 10 -18.65 21.86 -2.41
N GLN D 11 -19.08 21.74 -1.15
CA GLN D 11 -18.50 20.79 -0.20
C GLN D 11 -19.49 19.79 0.35
N LEU D 12 -19.06 18.53 0.48
CA LEU D 12 -19.89 17.46 1.06
C LEU D 12 -19.10 16.88 2.21
N LYS D 13 -19.78 16.70 3.33
CA LYS D 13 -19.15 16.16 4.53
C LYS D 13 -20.05 15.07 5.15
N PHE D 14 -19.45 13.91 5.44
CA PHE D 14 -20.18 12.84 6.09
C PHE D 14 -19.48 12.68 7.43
N GLU D 15 -20.10 13.21 8.47
CA GLU D 15 -19.54 13.17 9.82
C GLU D 15 -20.08 12.05 10.67
N CYS D 16 -19.19 11.18 11.14
CA CYS D 16 -19.57 10.08 12.01
C CYS D 16 -19.02 10.43 13.39
N HIS D 17 -19.93 10.69 14.32
CA HIS D 17 -19.60 11.04 15.69
C HIS D 17 -19.77 9.83 16.60
N PHE D 18 -18.68 9.43 17.26
CA PHE D 18 -18.69 8.27 18.16
C PHE D 18 -18.59 8.63 19.63
N PHE D 19 -19.50 8.06 20.42
CA PHE D 19 -19.57 8.30 21.87
C PHE D 19 -19.33 6.99 22.65
N ASN D 20 -18.50 7.06 23.68
CA ASN D 20 -18.18 5.90 24.50
C ASN D 20 -17.99 4.69 23.59
N GLY D 21 -16.87 4.66 22.88
CA GLY D 21 -16.61 3.58 21.96
C GLY D 21 -17.57 3.75 20.80
N THR D 22 -17.99 2.65 20.17
CA THR D 22 -18.95 2.75 19.08
C THR D 22 -20.32 2.47 19.67
N GLU D 23 -20.49 2.77 20.95
CA GLU D 23 -21.76 2.56 21.63
C GLU D 23 -22.78 3.47 20.97
N ARG D 24 -22.60 4.78 21.13
CA ARG D 24 -23.51 5.74 20.52
C ARG D 24 -22.84 6.40 19.31
N VAL D 25 -23.54 6.35 18.18
CA VAL D 25 -23.03 6.93 16.95
C VAL D 25 -24.05 7.88 16.34
N ARG D 26 -23.58 8.99 15.79
CA ARG D 26 -24.48 9.93 15.14
C ARG D 26 -23.89 10.25 13.78
N LEU D 27 -24.71 10.07 12.74
CA LEU D 27 -24.26 10.36 11.38
C LEU D 27 -24.83 11.70 10.97
N LEU D 28 -23.98 12.53 10.38
CA LEU D 28 -24.40 13.86 9.92
C LEU D 28 -23.84 14.11 8.50
N GLU D 29 -24.76 14.12 7.53
CA GLU D 29 -24.45 14.36 6.13
C GLU D 29 -24.72 15.84 5.88
N ARG D 30 -23.72 16.56 5.38
CA ARG D 30 -23.88 18.01 5.13
C ARG D 30 -23.49 18.45 3.73
N CYS D 31 -24.27 19.38 3.17
CA CYS D 31 -24.03 19.95 1.85
C CYS D 31 -23.76 21.45 2.06
N ILE D 32 -22.62 21.93 1.57
CA ILE D 32 -22.25 23.32 1.74
C ILE D 32 -21.90 23.97 0.41
N TYR D 33 -22.59 25.06 0.10
CA TYR D 33 -22.33 25.79 -1.13
C TYR D 33 -21.61 27.05 -0.68
N ASN D 34 -20.40 27.25 -1.22
CA ASN D 34 -19.56 28.39 -0.86
C ASN D 34 -19.27 28.28 0.63
N GLN D 35 -19.88 29.09 1.49
CA GLN D 35 -19.62 28.91 2.92
C GLN D 35 -20.88 28.55 3.71
N GLU D 36 -21.99 28.35 3.01
CA GLU D 36 -23.23 28.05 3.72
C GLU D 36 -23.82 26.67 3.52
N GLU D 37 -24.03 25.99 4.64
CA GLU D 37 -24.61 24.67 4.64
C GLU D 37 -26.04 24.89 4.15
N SER D 38 -26.44 24.13 3.15
CA SER D 38 -27.79 24.28 2.61
C SER D 38 -28.81 23.21 3.03
N VAL D 39 -28.38 21.95 3.09
CA VAL D 39 -29.24 20.84 3.46
C VAL D 39 -28.39 19.81 4.20
N ARG D 40 -29.02 18.99 5.05
CA ARG D 40 -28.28 17.97 5.80
C ARG D 40 -29.15 16.80 6.26
N PHE D 41 -28.51 15.67 6.52
CA PHE D 41 -29.18 14.48 7.03
C PHE D 41 -28.60 14.18 8.41
N ASP D 42 -29.44 14.26 9.42
CA ASP D 42 -29.02 14.00 10.80
C ASP D 42 -29.62 12.64 11.18
N SER D 43 -28.79 11.66 11.53
CA SER D 43 -29.32 10.35 11.90
C SER D 43 -30.24 10.43 13.12
N ASP D 44 -30.07 11.48 13.93
CA ASP D 44 -30.90 11.69 15.11
C ASP D 44 -32.26 12.25 14.72
N VAL D 45 -32.37 12.70 13.49
CA VAL D 45 -33.62 13.24 13.00
C VAL D 45 -34.25 12.18 12.09
N GLY D 46 -33.43 11.54 11.27
CA GLY D 46 -33.95 10.49 10.40
C GLY D 46 -34.27 10.88 8.95
N GLU D 47 -34.27 12.16 8.64
CA GLU D 47 -34.57 12.58 7.27
C GLU D 47 -33.83 13.86 6.90
N TYR D 48 -33.79 14.17 5.62
CA TYR D 48 -33.12 15.38 5.16
C TYR D 48 -33.92 16.60 5.57
N ARG D 49 -33.19 17.62 6.03
CA ARG D 49 -33.76 18.88 6.44
C ARG D 49 -32.94 20.00 5.78
N ALA D 50 -33.63 20.92 5.12
CA ALA D 50 -32.92 22.03 4.49
C ALA D 50 -32.48 22.94 5.64
N VAL D 51 -31.30 23.55 5.48
CA VAL D 51 -30.73 24.45 6.49
C VAL D 51 -30.96 25.89 6.05
N THR D 52 -30.97 26.11 4.74
CA THR D 52 -31.23 27.42 4.15
C THR D 52 -32.23 27.22 3.02
N GLU D 53 -32.78 28.32 2.54
CA GLU D 53 -33.73 28.27 1.46
C GLU D 53 -33.21 27.46 0.28
N LEU D 54 -31.95 27.67 -0.07
CA LEU D 54 -31.36 26.96 -1.21
C LEU D 54 -31.40 25.44 -1.16
N GLY D 55 -31.45 24.86 0.05
CA GLY D 55 -31.47 23.42 0.16
C GLY D 55 -32.83 22.74 0.11
N ARG D 56 -33.91 23.52 0.07
CA ARG D 56 -35.25 22.92 0.07
C ARG D 56 -35.61 21.93 -1.04
N PRO D 57 -35.30 22.26 -2.29
CA PRO D 57 -35.65 21.30 -3.35
C PRO D 57 -35.03 19.93 -3.10
N ASP D 58 -33.82 19.95 -2.57
CA ASP D 58 -33.05 18.74 -2.31
C ASP D 58 -33.58 17.88 -1.18
N ALA D 59 -33.97 18.50 -0.08
CA ALA D 59 -34.49 17.76 1.05
C ALA D 59 -35.78 17.08 0.60
N GLU D 60 -36.62 17.82 -0.11
CA GLU D 60 -37.88 17.28 -0.60
C GLU D 60 -37.58 16.12 -1.55
N TYR D 61 -36.83 16.39 -2.61
CA TYR D 61 -36.49 15.35 -3.57
C TYR D 61 -35.88 14.08 -2.93
N TRP D 62 -34.80 14.25 -2.17
CA TRP D 62 -34.16 13.10 -1.54
C TRP D 62 -35.06 12.32 -0.58
N ASN D 63 -35.87 13.04 0.17
CA ASN D 63 -36.79 12.41 1.11
C ASN D 63 -37.90 11.63 0.41
N SER D 64 -38.17 11.92 -0.86
CA SER D 64 -39.23 11.21 -1.57
C SER D 64 -38.74 9.82 -1.93
N GLN D 65 -37.43 9.68 -2.06
CA GLN D 65 -36.83 8.40 -2.40
C GLN D 65 -36.69 7.53 -1.16
N LYS D 66 -37.73 6.74 -0.90
CA LYS D 66 -37.78 5.85 0.25
C LYS D 66 -36.57 4.94 0.35
N ASP D 67 -36.10 4.43 -0.80
CA ASP D 67 -34.93 3.56 -0.80
C ASP D 67 -33.70 4.25 -0.22
N LEU D 68 -33.50 5.51 -0.64
CA LEU D 68 -32.38 6.33 -0.18
C LEU D 68 -32.42 6.52 1.33
N LEU D 69 -33.58 6.89 1.87
CA LEU D 69 -33.71 7.10 3.31
C LEU D 69 -33.37 5.85 4.12
N GLU D 70 -33.72 4.69 3.62
CA GLU D 70 -33.42 3.45 4.31
C GLU D 70 -31.92 3.23 4.39
N GLN D 71 -31.24 3.44 3.27
CA GLN D 71 -29.80 3.26 3.23
C GLN D 71 -29.11 4.21 4.18
N ARG D 72 -29.55 5.46 4.19
CA ARG D 72 -28.98 6.48 5.05
C ARG D 72 -29.18 6.19 6.53
N ARG D 73 -30.40 5.81 6.89
CA ARG D 73 -30.74 5.52 8.29
C ARG D 73 -30.00 4.34 8.90
N ALA D 74 -29.44 3.48 8.04
CA ALA D 74 -28.68 2.30 8.46
C ALA D 74 -27.17 2.49 8.28
N ALA D 75 -26.78 3.59 7.63
CA ALA D 75 -25.38 3.88 7.38
C ALA D 75 -24.59 4.02 8.69
N VAL D 76 -25.29 4.35 9.77
CA VAL D 76 -24.64 4.49 11.05
C VAL D 76 -23.98 3.15 11.41
N ASP D 77 -24.38 2.09 10.72
CA ASP D 77 -23.82 0.76 10.93
C ASP D 77 -22.97 0.36 9.74
N THR D 78 -23.60 0.31 8.57
CA THR D 78 -22.89 -0.09 7.35
C THR D 78 -21.73 0.83 7.00
N TYR D 79 -21.80 2.08 7.47
CA TYR D 79 -20.79 3.09 7.17
C TYR D 79 -19.94 3.49 8.37
N CYS D 80 -20.54 4.18 9.33
CA CYS D 80 -19.83 4.64 10.52
C CYS D 80 -19.13 3.54 11.35
N ARG D 81 -19.92 2.64 11.94
CA ARG D 81 -19.32 1.59 12.75
C ARG D 81 -18.36 0.74 11.93
N HIS D 82 -18.64 0.54 10.65
CA HIS D 82 -17.75 -0.26 9.83
C HIS D 82 -16.38 0.42 9.65
N ASN D 83 -16.38 1.70 9.32
CA ASN D 83 -15.13 2.42 9.12
C ASN D 83 -14.41 2.60 10.45
N TYR D 84 -15.19 2.77 11.52
CA TYR D 84 -14.56 2.91 12.83
C TYR D 84 -13.71 1.65 13.10
N GLY D 85 -14.28 0.48 12.81
CA GLY D 85 -13.57 -0.76 13.02
C GLY D 85 -12.39 -0.95 12.09
N VAL D 86 -12.50 -0.46 10.86
CA VAL D 86 -11.42 -0.61 9.90
C VAL D 86 -10.12 0.06 10.33
N GLY D 87 -10.21 1.17 11.05
CA GLY D 87 -8.99 1.83 11.44
C GLY D 87 -8.74 1.98 12.92
N GLU D 88 -9.53 1.30 13.74
CA GLU D 88 -9.35 1.43 15.19
C GLU D 88 -7.95 1.13 15.68
N SER D 89 -7.28 0.15 15.09
CA SER D 89 -5.95 -0.21 15.55
C SER D 89 -4.91 0.89 15.32
N PHE D 90 -5.08 1.69 14.28
CA PHE D 90 -4.09 2.74 14.00
C PHE D 90 -4.59 4.18 14.15
N THR D 91 -5.78 4.34 14.71
CA THR D 91 -6.34 5.66 14.96
C THR D 91 -6.68 5.78 16.45
N VAL D 92 -7.79 5.19 16.87
CA VAL D 92 -8.20 5.23 18.27
C VAL D 92 -7.16 4.62 19.21
N GLN D 93 -6.39 3.64 18.71
CA GLN D 93 -5.37 2.96 19.51
C GLN D 93 -3.95 3.46 19.30
N ARG D 94 -3.79 4.43 18.40
CA ARG D 94 -2.47 4.98 18.11
C ARG D 94 -1.88 5.59 19.37
N ARG D 95 -0.64 5.28 19.64
CA ARG D 95 0.02 5.82 20.80
C ARG D 95 1.49 6.11 20.51
N VAL D 96 1.87 7.36 20.72
CA VAL D 96 3.24 7.81 20.50
C VAL D 96 3.63 8.66 21.70
N GLU D 97 4.74 8.28 22.31
CA GLU D 97 5.25 8.95 23.49
C GLU D 97 5.83 10.32 23.22
N PRO D 98 5.53 11.28 24.10
CA PRO D 98 6.05 12.63 23.93
C PRO D 98 7.52 12.72 24.25
N LYS D 99 8.22 13.63 23.57
CA LYS D 99 9.62 13.88 23.82
C LYS D 99 9.50 15.14 24.70
N VAL D 100 10.16 15.12 25.85
CA VAL D 100 10.06 16.25 26.77
C VAL D 100 11.40 16.93 27.00
N THR D 101 11.46 18.24 26.84
CA THR D 101 12.70 18.93 27.08
C THR D 101 12.39 20.22 27.82
N VAL D 102 13.30 20.63 28.68
CA VAL D 102 13.13 21.85 29.45
C VAL D 102 14.30 22.77 29.22
N TYR D 103 14.04 24.04 28.96
CA TYR D 103 15.12 24.98 28.76
C TYR D 103 14.74 26.36 29.28
N PRO D 104 15.72 27.12 29.79
CA PRO D 104 15.35 28.46 30.28
C PRO D 104 15.15 29.31 29.01
N SER D 105 14.17 30.20 29.02
CA SER D 105 13.92 31.01 27.84
C SER D 105 15.15 31.75 27.35
N LYS D 106 15.52 31.51 26.10
CA LYS D 106 16.68 32.17 25.52
C LYS D 106 16.49 33.68 25.56
N THR D 107 15.25 34.10 25.79
CA THR D 107 14.94 35.51 25.86
C THR D 107 14.45 35.90 27.23
N GLN D 108 15.39 36.04 28.18
CA GLN D 108 15.05 36.45 29.54
C GLN D 108 15.15 37.97 29.64
N PRO D 109 14.01 38.66 29.77
CA PRO D 109 14.01 40.13 29.88
C PRO D 109 14.57 40.63 31.22
N LEU D 110 13.94 40.19 32.31
CA LEU D 110 14.34 40.60 33.64
C LEU D 110 15.42 39.70 34.23
N GLN D 111 16.44 40.31 34.83
CA GLN D 111 17.51 39.55 35.45
C GLN D 111 17.01 39.06 36.80
N HIS D 112 17.62 38.01 37.34
CA HIS D 112 17.16 37.48 38.61
C HIS D 112 15.91 36.65 38.39
N HIS D 113 15.03 37.13 37.49
CA HIS D 113 13.80 36.41 37.15
C HIS D 113 14.18 35.35 36.14
N ASN D 114 13.16 34.72 35.54
CA ASN D 114 13.40 33.69 34.55
C ASN D 114 12.12 33.01 34.12
N LEU D 115 12.17 32.37 32.97
CA LEU D 115 11.03 31.66 32.45
C LEU D 115 11.53 30.30 31.99
N LEU D 116 11.00 29.25 32.59
CA LEU D 116 11.39 27.92 32.22
C LEU D 116 10.36 27.42 31.23
N VAL D 117 10.82 26.80 30.16
CA VAL D 117 9.93 26.29 29.15
C VAL D 117 9.97 24.79 29.16
N CYS D 118 8.81 24.15 29.20
CA CYS D 118 8.78 22.71 29.11
C CYS D 118 8.10 22.44 27.78
N SER D 119 8.85 21.86 26.85
CA SER D 119 8.34 21.55 25.52
C SER D 119 8.01 20.07 25.44
N VAL D 120 6.77 19.75 25.10
CA VAL D 120 6.33 18.38 25.02
C VAL D 120 5.90 18.21 23.58
N SER D 121 6.59 17.33 22.85
CA SER D 121 6.31 17.20 21.43
C SER D 121 6.33 15.78 20.88
N GLY D 122 5.77 15.62 19.68
CA GLY D 122 5.73 14.34 18.99
C GLY D 122 4.74 13.33 19.53
N PHE D 123 3.76 13.76 20.32
CA PHE D 123 2.85 12.81 20.93
C PHE D 123 1.46 12.62 20.35
N TYR D 124 0.87 11.48 20.69
CA TYR D 124 -0.47 11.12 20.25
C TYR D 124 -1.00 10.01 21.16
N PRO D 125 -2.27 10.08 21.57
CA PRO D 125 -3.31 11.09 21.27
C PRO D 125 -3.07 12.42 21.97
N GLY D 126 -4.00 13.36 21.81
CA GLY D 126 -3.84 14.68 22.41
C GLY D 126 -3.98 14.77 23.92
N SER D 127 -4.71 13.83 24.50
CA SER D 127 -4.94 13.82 25.96
C SER D 127 -3.58 13.80 26.69
N ILE D 128 -3.31 14.84 27.48
CA ILE D 128 -2.02 14.92 28.19
C ILE D 128 -2.10 15.83 29.42
N GLU D 129 -1.20 15.64 30.39
CA GLU D 129 -1.16 16.49 31.59
C GLU D 129 0.31 16.86 31.85
N VAL D 130 0.57 18.17 31.95
CA VAL D 130 1.91 18.69 32.14
C VAL D 130 1.92 19.59 33.37
N ARG D 131 2.70 19.21 34.37
CA ARG D 131 2.74 19.97 35.60
C ARG D 131 4.17 20.38 35.94
N TRP D 132 4.32 21.54 36.56
CA TRP D 132 5.61 22.06 36.99
C TRP D 132 5.74 21.88 38.51
N PHE D 133 6.95 21.53 38.97
CA PHE D 133 7.20 21.38 40.42
C PHE D 133 8.46 22.16 40.80
N ARG D 134 8.48 22.64 42.05
CA ARG D 134 9.64 23.36 42.61
C ARG D 134 9.99 22.59 43.89
N ASN D 135 11.17 21.98 43.92
CA ASN D 135 11.59 21.16 45.06
C ASN D 135 10.47 20.15 45.38
N GLY D 136 9.92 19.55 44.34
CA GLY D 136 8.88 18.56 44.55
C GLY D 136 7.47 19.07 44.86
N GLN D 137 7.32 20.39 45.06
CA GLN D 137 6.02 20.97 45.36
C GLN D 137 5.42 21.58 44.09
N GLU D 138 4.21 21.17 43.73
CA GLU D 138 3.61 21.65 42.51
C GLU D 138 3.39 23.16 42.44
N GLU D 139 3.83 23.76 41.33
CA GLU D 139 3.66 25.20 41.08
C GLU D 139 2.37 25.32 40.26
N LYS D 140 1.42 26.08 40.76
CA LYS D 140 0.14 26.29 40.06
C LYS D 140 0.14 27.66 39.39
N ALA D 141 0.41 28.69 40.18
CA ALA D 141 0.45 30.05 39.67
C ALA D 141 1.74 30.26 38.89
N GLY D 142 1.76 31.28 38.03
CA GLY D 142 2.97 31.53 37.27
C GLY D 142 3.17 30.58 36.08
N VAL D 143 2.19 29.70 35.85
CA VAL D 143 2.26 28.77 34.73
C VAL D 143 1.29 29.18 33.61
N VAL D 144 1.75 29.10 32.36
CA VAL D 144 0.89 29.41 31.22
C VAL D 144 1.18 28.30 30.22
N SER D 145 0.25 28.08 29.31
CA SER D 145 0.39 26.99 28.33
C SER D 145 -0.22 27.34 26.98
N THR D 146 0.34 26.76 25.93
CA THR D 146 -0.14 26.98 24.58
C THR D 146 -1.33 26.07 24.31
N GLY D 147 -1.55 25.07 25.15
CA GLY D 147 -2.63 24.14 24.85
C GLY D 147 -2.12 23.21 23.74
N LEU D 148 -2.97 22.37 23.20
CA LEU D 148 -2.58 21.42 22.17
C LEU D 148 -2.34 21.99 20.79
N ILE D 149 -1.18 21.69 20.22
CA ILE D 149 -0.85 22.16 18.88
C ILE D 149 -0.80 20.98 17.92
N GLN D 150 -1.76 20.91 16.99
CA GLN D 150 -1.80 19.81 16.03
C GLN D 150 -0.79 20.10 14.90
N ASN D 151 0.15 19.20 14.69
CA ASN D 151 1.17 19.38 13.67
C ASN D 151 0.78 18.94 12.26
N GLY D 152 -0.37 18.27 12.14
CA GLY D 152 -0.87 17.82 10.85
C GLY D 152 -0.32 16.49 10.36
N ASP D 153 0.54 15.86 11.15
CA ASP D 153 1.12 14.58 10.79
C ASP D 153 0.86 13.51 11.86
N TRP D 154 -0.27 13.62 12.54
CA TRP D 154 -0.64 12.68 13.60
C TRP D 154 0.19 12.80 14.88
N THR D 155 0.75 13.97 15.15
CA THR D 155 1.48 14.23 16.38
C THR D 155 1.06 15.61 16.88
N PHE D 156 1.20 15.84 18.18
CA PHE D 156 0.87 17.10 18.81
C PHE D 156 2.12 17.60 19.54
N GLN D 157 2.09 18.86 19.94
CA GLN D 157 3.15 19.42 20.75
C GLN D 157 2.48 20.50 21.58
N THR D 158 3.16 20.90 22.65
CA THR D 158 2.64 21.95 23.51
C THR D 158 3.81 22.54 24.28
N LEU D 159 3.67 23.77 24.74
CA LEU D 159 4.67 24.44 25.54
C LEU D 159 3.98 24.90 26.82
N VAL D 160 4.49 24.46 27.97
CA VAL D 160 3.95 24.84 29.28
C VAL D 160 5.12 25.59 29.94
N MET D 161 4.93 26.86 30.25
CA MET D 161 5.98 27.69 30.80
C MET D 161 5.76 28.17 32.24
N LEU D 162 6.83 28.23 33.01
CA LEU D 162 6.75 28.65 34.41
C LEU D 162 7.58 29.90 34.68
N GLU D 163 6.91 30.95 35.18
CA GLU D 163 7.62 32.18 35.55
C GLU D 163 8.20 31.91 36.92
N THR D 164 9.49 32.14 37.10
CA THR D 164 10.08 31.89 38.40
C THR D 164 11.29 32.76 38.74
N VAL D 165 11.57 32.88 40.04
CA VAL D 165 12.71 33.65 40.54
C VAL D 165 13.62 32.57 41.10
N PRO D 166 14.42 31.92 40.23
CA PRO D 166 15.31 30.86 40.68
C PRO D 166 16.45 31.27 41.62
N ARG D 167 16.72 30.39 42.59
CA ARG D 167 17.80 30.59 43.56
C ARG D 167 18.47 29.23 43.74
N SER D 168 19.81 29.26 43.86
CA SER D 168 20.61 28.04 44.02
C SER D 168 19.98 27.07 45.02
N GLY D 169 20.12 25.77 44.73
CA GLY D 169 19.56 24.78 45.62
C GLY D 169 18.14 24.40 45.26
N GLU D 170 17.59 25.03 44.23
CA GLU D 170 16.23 24.71 43.81
C GLU D 170 16.25 23.74 42.65
N VAL D 171 15.35 22.77 42.68
CA VAL D 171 15.25 21.80 41.60
C VAL D 171 13.85 21.96 40.99
N TYR D 172 13.78 22.27 39.69
CA TYR D 172 12.51 22.44 39.00
C TYR D 172 12.27 21.21 38.14
N THR D 173 11.06 20.69 38.21
CA THR D 173 10.69 19.47 37.48
C THR D 173 9.47 19.65 36.57
N CYS D 174 9.56 19.16 35.34
CA CYS D 174 8.42 19.20 34.42
C CYS D 174 7.99 17.77 34.38
N GLN D 175 6.71 17.53 34.63
CA GLN D 175 6.18 16.19 34.69
C GLN D 175 5.08 15.98 33.69
N VAL D 176 5.16 14.89 32.94
CA VAL D 176 4.15 14.59 31.92
C VAL D 176 3.49 13.23 32.09
N GLU D 177 2.16 13.22 32.06
CA GLU D 177 1.37 12.00 32.13
C GLU D 177 0.65 11.94 30.79
N HIS D 178 0.69 10.76 30.15
CA HIS D 178 0.10 10.59 28.84
C HIS D 178 -0.25 9.11 28.66
N PRO D 179 -1.29 8.79 27.88
CA PRO D 179 -1.69 7.40 27.68
C PRO D 179 -0.59 6.47 27.19
N SER D 180 0.45 7.03 26.59
CA SER D 180 1.54 6.23 26.07
C SER D 180 2.52 5.77 27.15
N VAL D 181 2.44 6.36 28.34
CA VAL D 181 3.36 5.92 29.40
C VAL D 181 2.57 5.53 30.63
N THR D 182 2.99 4.41 31.22
CA THR D 182 2.34 3.86 32.39
C THR D 182 2.79 4.54 33.67
N SER D 183 3.85 5.33 33.57
CA SER D 183 4.37 6.06 34.71
C SER D 183 4.77 7.43 34.20
N PRO D 184 4.61 8.48 35.03
CA PRO D 184 4.96 9.84 34.62
C PRO D 184 6.38 10.12 34.17
N LEU D 185 6.50 10.94 33.12
CA LEU D 185 7.81 11.32 32.60
C LEU D 185 8.15 12.61 33.33
N THR D 186 9.42 12.77 33.68
CA THR D 186 9.86 13.96 34.36
C THR D 186 11.20 14.42 33.80
N VAL D 187 11.39 15.73 33.73
CA VAL D 187 12.65 16.27 33.26
C VAL D 187 12.94 17.37 34.26
N GLU D 188 14.16 17.42 34.77
CA GLU D 188 14.42 18.47 35.75
C GLU D 188 15.47 19.47 35.33
N TRP D 189 15.40 20.62 35.96
CA TRP D 189 16.29 21.71 35.68
C TRP D 189 16.78 22.25 37.02
N ARG D 190 18.09 22.37 37.18
CA ARG D 190 18.65 22.85 38.43
C ARG D 190 19.02 24.33 38.42
N ALA D 191 18.63 25.01 39.48
CA ALA D 191 18.96 26.42 39.63
C ALA D 191 20.40 26.44 40.17
N PRO E 1 9.45 3.15 -2.66
CA PRO E 1 9.96 1.77 -2.43
C PRO E 1 10.94 1.42 -3.54
N LYS E 2 12.17 1.12 -3.15
CA LYS E 2 13.22 0.84 -4.12
C LYS E 2 13.83 -0.56 -4.04
N TYR E 3 13.98 -1.20 -5.19
CA TYR E 3 14.61 -2.51 -5.25
C TYR E 3 16.12 -2.33 -5.07
N VAL E 4 16.73 -3.22 -4.31
CA VAL E 4 18.16 -3.16 -4.11
C VAL E 4 18.73 -4.39 -4.78
N LYS E 5 19.87 -4.23 -5.42
CA LYS E 5 20.50 -5.35 -6.09
C LYS E 5 21.75 -5.76 -5.36
N GLN E 6 22.15 -7.02 -5.55
CA GLN E 6 23.40 -7.49 -4.98
C GLN E 6 24.43 -7.13 -6.03
N ASN E 7 25.62 -6.72 -5.61
CA ASN E 7 26.66 -6.35 -6.56
C ASN E 7 27.39 -7.57 -7.08
N THR E 8 27.79 -7.51 -8.34
CA THR E 8 28.56 -8.62 -8.95
C THR E 8 29.97 -8.59 -8.36
N LEU E 9 30.53 -9.75 -8.06
CA LEU E 9 31.88 -9.84 -7.52
C LEU E 9 32.87 -10.23 -8.59
N LYS E 10 34.03 -9.56 -8.62
CA LYS E 10 35.07 -9.90 -9.59
C LYS E 10 35.62 -11.28 -9.20
N LEU E 11 35.83 -12.14 -10.19
CA LEU E 11 36.34 -13.49 -9.95
C LEU E 11 37.82 -13.47 -9.59
N ALA E 12 38.33 -14.62 -9.15
CA ALA E 12 39.73 -14.75 -8.83
C ALA E 12 40.50 -14.67 -10.14
N THR E 13 41.63 -13.97 -10.12
CA THR E 13 42.46 -13.82 -11.30
C THR E 13 43.92 -14.00 -10.93
N PRO F 1 -9.24 -4.90 5.86
CA PRO F 1 -10.43 -4.05 6.05
C PRO F 1 -10.44 -2.94 5.01
N LYS F 2 -11.61 -2.65 4.45
CA LYS F 2 -11.68 -1.60 3.45
C LYS F 2 -12.62 -0.47 3.85
N TYR F 3 -12.18 0.76 3.63
CA TYR F 3 -13.00 1.91 3.96
C TYR F 3 -14.18 1.96 3.01
N VAL F 4 -15.35 2.19 3.58
CA VAL F 4 -16.58 2.27 2.82
C VAL F 4 -16.91 3.75 2.74
N LYS F 5 -17.37 4.19 1.58
CA LYS F 5 -17.68 5.59 1.43
C LYS F 5 -19.14 5.80 1.08
N GLN F 6 -19.73 6.87 1.63
CA GLN F 6 -21.13 7.18 1.32
C GLN F 6 -21.14 7.81 -0.07
N ASN F 7 -22.16 7.50 -0.87
CA ASN F 7 -22.24 8.06 -2.20
C ASN F 7 -22.86 9.45 -2.19
N THR F 8 -22.35 10.34 -3.04
CA THR F 8 -22.92 11.67 -3.13
C THR F 8 -24.16 11.57 -4.03
N LEU F 9 -25.22 12.30 -3.64
CA LEU F 9 -26.49 12.32 -4.35
C LEU F 9 -26.67 13.49 -5.33
N LYS F 10 -27.25 13.22 -6.50
CA LYS F 10 -27.51 14.28 -7.47
C LYS F 10 -28.54 15.20 -6.82
N LEU F 11 -28.34 16.50 -6.94
CA LEU F 11 -29.28 17.46 -6.37
C LEU F 11 -30.55 17.50 -7.20
N ALA F 12 -31.56 18.18 -6.67
CA ALA F 12 -32.83 18.34 -7.38
C ALA F 12 -32.59 19.31 -8.53
N THR F 13 -33.25 19.07 -9.66
CA THR F 13 -33.12 19.94 -10.82
C THR F 13 -34.46 20.66 -11.01
N LYS G 6 8.77 -56.10 -25.13
CA LYS G 6 9.51 -54.81 -24.89
C LYS G 6 9.65 -54.56 -23.38
N VAL G 7 10.87 -54.69 -22.87
CA VAL G 7 11.14 -54.48 -21.45
C VAL G 7 12.20 -53.41 -21.22
N VAL G 8 12.00 -52.61 -20.18
CA VAL G 8 12.93 -51.54 -19.83
C VAL G 8 13.14 -51.55 -18.32
N LEU G 9 14.38 -51.39 -17.90
CA LEU G 9 14.71 -51.38 -16.48
C LEU G 9 15.01 -49.96 -16.01
N GLY G 10 14.79 -49.71 -14.73
CA GLY G 10 15.06 -48.41 -14.16
C GLY G 10 15.60 -48.60 -12.76
N LYS G 11 16.14 -47.53 -12.17
CA LYS G 11 16.70 -47.59 -10.83
C LYS G 11 15.88 -46.70 -9.92
N LYS G 12 15.66 -47.17 -8.70
CA LYS G 12 14.90 -46.39 -7.73
C LYS G 12 15.48 -44.99 -7.65
N GLY G 13 14.61 -44.00 -7.63
CA GLY G 13 15.06 -42.63 -7.53
C GLY G 13 15.46 -41.97 -8.84
N ASP G 14 15.97 -42.74 -9.79
CA ASP G 14 16.36 -42.20 -11.08
C ASP G 14 15.17 -41.91 -12.01
N THR G 15 15.49 -41.55 -13.25
CA THR G 15 14.51 -41.25 -14.27
C THR G 15 14.61 -42.29 -15.38
N VAL G 16 13.51 -42.56 -16.07
CA VAL G 16 13.53 -43.51 -17.18
C VAL G 16 12.65 -43.06 -18.33
N GLU G 17 13.03 -43.45 -19.53
CA GLU G 17 12.28 -43.10 -20.74
C GLU G 17 11.71 -44.35 -21.42
N LEU G 18 10.41 -44.33 -21.68
CA LEU G 18 9.70 -45.39 -22.36
C LEU G 18 9.32 -44.79 -23.71
N THR G 19 9.86 -45.35 -24.79
CA THR G 19 9.61 -44.81 -26.11
C THR G 19 8.29 -45.23 -26.78
N CYS G 20 7.84 -44.39 -27.71
CA CYS G 20 6.63 -44.61 -28.49
C CYS G 20 6.89 -43.91 -29.81
N THR G 21 6.74 -44.64 -30.91
CA THR G 21 6.99 -44.07 -32.22
C THR G 21 5.84 -44.24 -33.19
N ALA G 22 5.57 -43.21 -33.99
CA ALA G 22 4.50 -43.25 -34.98
C ALA G 22 5.09 -43.50 -36.36
N SER G 23 4.27 -44.00 -37.27
CA SER G 23 4.67 -44.30 -38.65
C SER G 23 5.55 -43.24 -39.27
N GLN G 24 5.03 -42.02 -39.37
CA GLN G 24 5.78 -40.94 -39.99
C GLN G 24 6.21 -39.87 -39.00
N LYS G 25 7.35 -39.25 -39.29
CA LYS G 25 7.89 -38.19 -38.45
C LYS G 25 6.98 -36.97 -38.51
N LYS G 26 5.92 -37.02 -37.70
CA LYS G 26 4.94 -35.95 -37.64
C LYS G 26 4.32 -35.96 -36.25
N SER G 27 4.00 -34.78 -35.74
CA SER G 27 3.37 -34.68 -34.43
C SER G 27 1.90 -35.06 -34.59
N ILE G 28 1.46 -36.04 -33.82
CA ILE G 28 0.07 -36.49 -33.90
C ILE G 28 -0.43 -36.80 -32.50
N GLN G 29 -1.70 -37.17 -32.41
CA GLN G 29 -2.31 -37.47 -31.14
C GLN G 29 -1.82 -38.81 -30.56
N PHE G 30 -1.57 -38.83 -29.26
CA PHE G 30 -1.10 -40.04 -28.58
C PHE G 30 -1.43 -39.91 -27.11
N HIS G 31 -1.47 -41.05 -26.42
CA HIS G 31 -1.66 -41.04 -24.98
C HIS G 31 -1.08 -42.33 -24.40
N TRP G 32 -0.71 -42.28 -23.12
CA TRP G 32 -0.17 -43.43 -22.43
C TRP G 32 -1.14 -43.86 -21.32
N LYS G 33 -1.24 -45.16 -21.09
CA LYS G 33 -2.09 -45.69 -20.03
C LYS G 33 -1.27 -46.71 -19.24
N ASN G 34 -1.69 -47.01 -18.01
CA ASN G 34 -0.98 -48.04 -17.24
C ASN G 34 -1.74 -49.35 -17.49
N SER G 35 -1.35 -50.42 -16.81
CA SER G 35 -2.03 -51.70 -17.04
C SER G 35 -3.48 -51.70 -16.52
N ASN G 36 -3.83 -50.78 -15.64
CA ASN G 36 -5.21 -50.70 -15.16
C ASN G 36 -6.03 -49.87 -16.16
N GLN G 37 -5.42 -49.53 -17.30
CA GLN G 37 -6.09 -48.72 -18.32
C GLN G 37 -6.34 -47.27 -17.89
N ILE G 38 -5.59 -46.79 -16.91
CA ILE G 38 -5.77 -45.40 -16.48
C ILE G 38 -4.91 -44.48 -17.35
N LYS G 39 -5.53 -43.44 -17.92
CA LYS G 39 -4.77 -42.52 -18.75
C LYS G 39 -3.77 -41.75 -17.90
N ILE G 40 -2.52 -41.74 -18.33
CA ILE G 40 -1.44 -41.08 -17.60
C ILE G 40 -1.07 -39.69 -18.15
N LEU G 41 -0.83 -39.64 -19.46
CA LEU G 41 -0.42 -38.41 -20.10
C LEU G 41 -0.73 -38.55 -21.58
N GLY G 42 -0.77 -37.43 -22.30
CA GLY G 42 -1.07 -37.46 -23.71
C GLY G 42 -1.25 -36.04 -24.20
N ASN G 43 -1.55 -35.84 -25.48
CA ASN G 43 -1.71 -34.49 -25.92
C ASN G 43 -3.12 -34.18 -26.38
N TYR G 44 -3.38 -32.89 -26.51
CA TYR G 44 -4.68 -32.38 -26.94
C TYR G 44 -4.28 -31.17 -27.77
N GLY G 45 -4.17 -31.35 -29.08
CA GLY G 45 -3.71 -30.25 -29.90
C GLY G 45 -2.27 -30.19 -29.43
N SER G 46 -1.76 -29.01 -29.14
CA SER G 46 -0.38 -28.91 -28.68
C SER G 46 -0.27 -28.88 -27.16
N PHE G 47 -1.38 -29.09 -26.47
CA PHE G 47 -1.37 -29.12 -25.01
C PHE G 47 -0.94 -30.52 -24.53
N LEU G 48 -0.26 -30.55 -23.40
CA LEU G 48 0.10 -31.82 -22.78
C LEU G 48 -0.82 -31.94 -21.55
N TRP G 49 -1.58 -33.03 -21.47
CA TRP G 49 -2.43 -33.20 -20.30
C TRP G 49 -1.94 -34.39 -19.53
N LYS G 50 -2.36 -34.49 -18.28
CA LYS G 50 -2.00 -35.60 -17.41
C LYS G 50 -3.28 -36.00 -16.67
N GLY G 51 -3.39 -37.29 -16.37
CA GLY G 51 -4.56 -37.78 -15.66
C GLY G 51 -4.19 -38.27 -14.29
N PRO G 52 -5.17 -38.51 -13.42
CA PRO G 52 -4.91 -39.00 -12.05
C PRO G 52 -4.28 -40.39 -12.11
N SER G 53 -3.21 -40.61 -11.36
CA SER G 53 -2.59 -41.92 -11.35
C SER G 53 -1.55 -42.04 -10.24
N LYS G 54 -1.12 -43.27 -10.00
CA LYS G 54 -0.13 -43.54 -8.97
C LYS G 54 1.20 -42.88 -9.30
N LEU G 55 1.28 -42.21 -10.44
CA LEU G 55 2.51 -41.54 -10.84
C LEU G 55 2.40 -40.07 -10.50
N ASN G 56 1.35 -39.74 -9.76
CA ASN G 56 1.08 -38.35 -9.39
C ASN G 56 1.54 -37.38 -10.48
N ASP G 57 2.51 -36.54 -10.16
CA ASP G 57 3.01 -35.55 -11.11
C ASP G 57 4.41 -35.86 -11.64
N ARG G 58 4.86 -37.10 -11.49
CA ARG G 58 6.20 -37.48 -11.94
C ARG G 58 6.34 -37.93 -13.40
N ALA G 59 5.27 -37.82 -14.19
CA ALA G 59 5.33 -38.22 -15.61
C ALA G 59 5.47 -37.02 -16.53
N ASP G 60 6.06 -37.24 -17.70
CA ASP G 60 6.21 -36.17 -18.65
C ASP G 60 6.56 -36.80 -19.98
N SER G 61 6.66 -35.99 -21.02
CA SER G 61 7.04 -36.48 -22.33
C SER G 61 8.16 -35.54 -22.78
N ARG G 62 8.56 -35.65 -24.04
CA ARG G 62 9.61 -34.78 -24.55
C ARG G 62 9.07 -34.08 -25.79
N ARG G 63 8.49 -32.89 -25.58
CA ARG G 63 7.87 -32.11 -26.64
C ARG G 63 8.65 -32.03 -27.92
N ARG G 64 9.93 -31.70 -27.82
CA ARG G 64 10.80 -31.59 -28.98
C ARG G 64 10.66 -32.75 -29.96
N LEU G 65 10.64 -33.96 -29.42
CA LEU G 65 10.59 -35.15 -30.25
C LEU G 65 9.26 -35.40 -30.93
N TRP G 66 8.19 -34.78 -30.43
CA TRP G 66 6.86 -34.99 -31.00
C TRP G 66 6.83 -34.79 -32.51
N ARG G 67 7.42 -33.70 -32.98
CA ARG G 67 7.43 -33.43 -34.41
C ARG G 67 8.22 -34.47 -35.17
N GLN G 68 9.09 -35.19 -34.45
CA GLN G 68 9.90 -36.25 -35.05
C GLN G 68 9.21 -37.60 -34.97
N GLY G 69 7.96 -37.61 -34.52
CA GLY G 69 7.21 -38.85 -34.41
C GLY G 69 7.47 -39.69 -33.16
N ASN G 70 8.11 -39.09 -32.15
CA ASN G 70 8.39 -39.78 -30.90
C ASN G 70 7.58 -39.14 -29.77
N PHE G 71 6.85 -39.97 -29.02
CA PHE G 71 6.01 -39.52 -27.92
C PHE G 71 6.31 -40.34 -26.67
N PRO G 72 7.51 -40.15 -26.10
CA PRO G 72 7.93 -40.87 -24.90
C PRO G 72 7.24 -40.52 -23.61
N LEU G 73 7.23 -41.50 -22.72
CA LEU G 73 6.66 -41.30 -21.40
C LEU G 73 7.92 -41.27 -20.55
N ILE G 74 8.11 -40.21 -19.78
CA ILE G 74 9.30 -40.07 -18.93
C ILE G 74 8.87 -40.13 -17.48
N ILE G 75 9.46 -41.01 -16.70
CA ILE G 75 9.10 -41.08 -15.30
C ILE G 75 10.30 -40.70 -14.46
N LYS G 76 10.11 -39.73 -13.56
CA LYS G 76 11.19 -39.25 -12.71
C LYS G 76 11.06 -39.75 -11.28
N ASN G 77 12.17 -39.70 -10.54
CA ASN G 77 12.21 -40.14 -9.14
C ASN G 77 11.47 -41.48 -8.96
N LEU G 78 11.83 -42.46 -9.79
CA LEU G 78 11.21 -43.79 -9.77
C LEU G 78 11.03 -44.47 -8.42
N LYS G 79 9.88 -45.10 -8.26
CA LYS G 79 9.55 -45.86 -7.07
C LYS G 79 9.48 -47.30 -7.57
N ILE G 80 9.77 -48.25 -6.70
CA ILE G 80 9.72 -49.65 -7.07
C ILE G 80 8.36 -49.99 -7.65
N GLU G 81 7.31 -49.54 -6.96
CA GLU G 81 5.94 -49.79 -7.39
C GLU G 81 5.53 -49.10 -8.68
N ASP G 82 6.43 -48.32 -9.29
CA ASP G 82 6.12 -47.67 -10.57
C ASP G 82 6.19 -48.78 -11.63
N SER G 83 6.86 -49.89 -11.30
CA SER G 83 7.01 -51.03 -12.22
C SER G 83 5.61 -51.43 -12.66
N ASP G 84 5.41 -51.61 -13.97
CA ASP G 84 4.07 -51.96 -14.45
C ASP G 84 4.20 -52.06 -15.96
N THR G 85 3.12 -52.41 -16.65
CA THR G 85 3.18 -52.44 -18.10
C THR G 85 2.45 -51.20 -18.59
N TYR G 86 3.13 -50.42 -19.42
CA TYR G 86 2.56 -49.20 -19.95
C TYR G 86 2.22 -49.34 -21.42
N ILE G 87 1.14 -48.71 -21.84
CA ILE G 87 0.72 -48.78 -23.24
C ILE G 87 0.55 -47.41 -23.86
N CYS G 88 1.15 -47.24 -25.03
CA CYS G 88 1.05 -45.99 -25.77
C CYS G 88 0.18 -46.25 -26.98
N GLU G 89 -0.85 -45.43 -27.14
CA GLU G 89 -1.77 -45.55 -28.26
C GLU G 89 -1.53 -44.38 -29.20
N VAL G 90 -1.15 -44.69 -30.43
CA VAL G 90 -0.87 -43.66 -31.41
C VAL G 90 -1.27 -44.21 -32.77
N GLU G 91 -2.03 -43.42 -33.52
CA GLU G 91 -2.52 -43.84 -34.83
C GLU G 91 -2.87 -45.34 -34.80
N ASP G 92 -3.96 -45.66 -34.14
CA ASP G 92 -4.47 -47.04 -34.00
C ASP G 92 -3.42 -48.12 -33.68
N GLN G 93 -2.27 -47.72 -33.17
CA GLN G 93 -1.21 -48.66 -32.82
C GLN G 93 -1.19 -48.72 -31.29
N LYS G 94 -0.81 -49.86 -30.73
CA LYS G 94 -0.75 -50.00 -29.27
C LYS G 94 0.58 -50.58 -28.83
N GLU G 95 1.56 -49.73 -28.61
CA GLU G 95 2.88 -50.18 -28.18
C GLU G 95 2.91 -50.43 -26.68
N GLU G 96 3.29 -51.63 -26.29
CA GLU G 96 3.38 -51.98 -24.88
C GLU G 96 4.83 -52.04 -24.44
N VAL G 97 5.07 -51.64 -23.19
CA VAL G 97 6.41 -51.66 -22.68
C VAL G 97 6.32 -51.94 -21.20
N GLN G 98 7.03 -52.96 -20.75
CA GLN G 98 6.99 -53.32 -19.34
C GLN G 98 8.18 -52.69 -18.62
N LEU G 99 7.89 -51.97 -17.54
CA LEU G 99 8.94 -51.33 -16.76
C LEU G 99 9.16 -52.06 -15.45
N LEU G 100 10.42 -52.33 -15.13
CA LEU G 100 10.76 -52.99 -13.87
C LEU G 100 11.78 -52.11 -13.18
N VAL G 101 11.47 -51.71 -11.97
CA VAL G 101 12.33 -50.81 -11.20
C VAL G 101 13.00 -51.52 -10.02
N PHE G 102 14.32 -51.38 -9.93
CA PHE G 102 15.10 -52.02 -8.87
C PHE G 102 15.85 -51.03 -7.97
N GLY G 103 16.09 -51.46 -6.74
CA GLY G 103 16.84 -50.69 -5.76
C GLY G 103 17.85 -51.64 -5.15
N LEU G 104 19.02 -51.16 -4.74
CA LEU G 104 20.04 -52.04 -4.16
C LEU G 104 20.87 -51.30 -3.14
N THR G 105 20.76 -51.73 -1.88
CA THR G 105 21.50 -51.08 -0.80
C THR G 105 22.23 -52.03 0.13
N ALA G 106 23.16 -51.48 0.90
CA ALA G 106 23.93 -52.27 1.85
C ALA G 106 23.21 -52.33 3.19
N ASN G 107 23.67 -53.20 4.07
CA ASN G 107 23.07 -53.37 5.39
C ASN G 107 23.98 -52.77 6.47
N THR G 110 28.20 -48.58 7.26
CA THR G 110 28.19 -47.57 8.36
C THR G 110 29.02 -48.02 9.54
N HIS G 111 29.28 -49.33 9.62
CA HIS G 111 30.05 -49.90 10.70
C HIS G 111 30.40 -51.36 10.43
N LEU G 112 30.82 -51.64 9.19
CA LEU G 112 31.19 -52.99 8.81
C LEU G 112 32.63 -53.26 9.29
N LEU G 113 32.77 -54.22 10.21
CA LEU G 113 34.08 -54.57 10.76
C LEU G 113 34.82 -55.64 9.97
N GLN G 114 36.12 -55.41 9.79
CA GLN G 114 36.98 -56.34 9.06
C GLN G 114 36.73 -57.77 9.55
N GLY G 115 36.66 -58.72 8.62
CA GLY G 115 36.42 -60.09 9.01
C GLY G 115 34.96 -60.50 9.04
N GLN G 116 34.07 -59.55 9.31
CA GLN G 116 32.64 -59.82 9.35
C GLN G 116 32.10 -59.98 7.93
N SER G 117 30.78 -60.02 7.79
CA SER G 117 30.18 -60.17 6.46
C SER G 117 29.35 -58.98 6.00
N LEU G 118 29.30 -58.80 4.68
CA LEU G 118 28.55 -57.71 4.08
C LEU G 118 27.34 -58.25 3.33
N THR G 119 26.19 -57.59 3.51
CA THR G 119 24.98 -58.01 2.84
C THR G 119 24.26 -56.89 2.11
N LEU G 120 23.97 -57.12 0.84
CA LEU G 120 23.28 -56.18 -0.01
C LEU G 120 21.84 -56.66 -0.22
N THR G 121 20.88 -55.74 -0.10
CA THR G 121 19.47 -56.09 -0.28
C THR G 121 18.88 -55.45 -1.54
N LEU G 122 18.38 -56.28 -2.45
CA LEU G 122 17.81 -55.80 -3.71
C LEU G 122 16.29 -55.64 -3.73
N GLU G 123 15.82 -54.40 -3.75
CA GLU G 123 14.38 -54.12 -3.82
C GLU G 123 13.93 -54.52 -5.21
N SER G 124 12.86 -55.32 -5.28
CA SER G 124 12.35 -55.80 -6.56
C SER G 124 10.84 -55.73 -6.70
N PRO G 125 10.35 -55.52 -7.93
CA PRO G 125 8.92 -55.45 -8.20
C PRO G 125 8.36 -56.85 -8.32
N PRO G 126 7.07 -57.03 -8.01
CA PRO G 126 6.41 -58.33 -8.09
C PRO G 126 6.52 -58.92 -9.50
N GLY G 127 6.73 -60.23 -9.58
CA GLY G 127 6.83 -60.86 -10.88
C GLY G 127 8.18 -60.81 -11.56
N SER G 128 9.24 -60.52 -10.79
CA SER G 128 10.59 -60.48 -11.36
C SER G 128 11.55 -61.48 -10.70
N SER G 129 12.38 -62.12 -11.50
CA SER G 129 13.38 -63.07 -11.00
C SER G 129 14.75 -62.53 -11.43
N PRO G 130 15.27 -61.55 -10.68
CA PRO G 130 16.56 -60.94 -10.97
C PRO G 130 17.80 -61.66 -10.46
N SER G 131 18.85 -61.61 -11.26
CA SER G 131 20.14 -62.19 -10.91
C SER G 131 21.08 -61.01 -10.68
N VAL G 132 21.82 -61.03 -9.57
CA VAL G 132 22.73 -59.94 -9.22
C VAL G 132 24.19 -60.38 -9.17
N GLN G 133 25.07 -59.52 -9.68
CA GLN G 133 26.51 -59.78 -9.68
C GLN G 133 27.27 -58.53 -9.26
N CYS G 134 27.88 -58.56 -8.08
CA CYS G 134 28.64 -57.43 -7.60
C CYS G 134 30.14 -57.71 -7.75
N ARG G 135 30.88 -56.72 -8.22
CA ARG G 135 32.32 -56.86 -8.38
C ARG G 135 32.98 -56.00 -7.28
N SER G 136 33.90 -56.59 -6.53
CA SER G 136 34.56 -55.87 -5.46
C SER G 136 35.67 -54.96 -5.98
N PRO G 137 36.23 -54.11 -5.11
CA PRO G 137 37.31 -53.23 -5.55
C PRO G 137 38.44 -54.11 -6.11
N ARG G 138 38.73 -55.19 -5.39
CA ARG G 138 39.75 -56.15 -5.79
C ARG G 138 39.44 -56.64 -7.20
N GLY G 139 38.17 -56.91 -7.45
CA GLY G 139 37.75 -57.38 -8.76
C GLY G 139 37.12 -58.76 -8.74
N LYS G 140 36.76 -59.24 -7.55
CA LYS G 140 36.14 -60.57 -7.41
C LYS G 140 34.64 -60.49 -7.67
N ASN G 141 34.20 -61.05 -8.78
CA ASN G 141 32.77 -61.04 -9.13
C ASN G 141 31.97 -62.04 -8.32
N ILE G 142 31.12 -61.52 -7.43
CA ILE G 142 30.26 -62.33 -6.57
C ILE G 142 28.95 -62.69 -7.31
N GLN G 143 27.97 -63.21 -6.58
CA GLN G 143 26.69 -63.60 -7.18
C GLN G 143 25.60 -63.61 -6.11
N GLY G 144 24.39 -63.18 -6.48
CA GLY G 144 23.29 -63.15 -5.53
C GLY G 144 21.93 -62.99 -6.20
N GLY G 145 20.91 -62.77 -5.38
CA GLY G 145 19.56 -62.59 -5.90
C GLY G 145 18.85 -61.48 -5.15
N LYS G 146 17.76 -61.81 -4.47
CA LYS G 146 17.02 -60.82 -3.70
C LYS G 146 17.99 -60.31 -2.64
N THR G 147 18.98 -61.14 -2.34
CA THR G 147 19.99 -60.81 -1.37
C THR G 147 21.33 -61.28 -1.89
N LEU G 148 22.40 -60.66 -1.40
CA LEU G 148 23.76 -61.03 -1.79
C LEU G 148 24.67 -60.70 -0.61
N SER G 149 25.49 -61.68 -0.23
CA SER G 149 26.42 -61.51 0.89
C SER G 149 27.86 -61.82 0.54
N VAL G 150 28.74 -61.33 1.39
CA VAL G 150 30.18 -61.54 1.24
C VAL G 150 30.74 -61.92 2.60
N SER G 151 31.28 -63.13 2.68
CA SER G 151 31.86 -63.63 3.92
C SER G 151 33.26 -63.05 4.13
N GLN G 152 33.63 -62.92 5.39
CA GLN G 152 34.93 -62.36 5.79
C GLN G 152 35.41 -61.20 4.92
N LEU G 153 35.10 -60.00 5.38
CA LEU G 153 35.46 -58.76 4.70
C LEU G 153 36.90 -58.38 5.00
N GLU G 154 37.57 -57.83 3.98
CA GLU G 154 38.94 -57.37 4.13
C GLU G 154 38.99 -55.87 3.84
N LEU G 155 40.03 -55.20 4.32
CA LEU G 155 40.17 -53.76 4.08
C LEU G 155 40.20 -53.50 2.58
N GLN G 156 40.84 -54.39 1.84
CA GLN G 156 40.95 -54.28 0.39
C GLN G 156 39.57 -54.27 -0.27
N ASP G 157 38.53 -54.55 0.51
CA ASP G 157 37.18 -54.57 -0.01
C ASP G 157 36.50 -53.21 0.06
N SER G 158 37.05 -52.32 0.88
CA SER G 158 36.50 -50.97 1.00
C SER G 158 36.60 -50.30 -0.38
N GLY G 159 35.65 -49.41 -0.68
CA GLY G 159 35.68 -48.75 -1.96
C GLY G 159 34.39 -48.88 -2.73
N THR G 160 34.47 -48.75 -4.04
CA THR G 160 33.28 -48.81 -4.89
C THR G 160 32.99 -50.19 -5.52
N TRP G 161 31.94 -50.82 -5.00
CA TRP G 161 31.50 -52.11 -5.50
C TRP G 161 30.54 -51.83 -6.64
N THR G 162 30.77 -52.45 -7.79
CA THR G 162 29.91 -52.27 -8.93
C THR G 162 28.98 -53.48 -9.08
N CYS G 163 27.73 -53.30 -8.72
CA CYS G 163 26.73 -54.36 -8.78
C CYS G 163 25.81 -54.23 -9.98
N THR G 164 25.67 -55.33 -10.72
CA THR G 164 24.84 -55.36 -11.92
C THR G 164 23.61 -56.28 -11.77
N VAL G 165 22.42 -55.72 -11.93
CA VAL G 165 21.19 -56.48 -11.85
C VAL G 165 20.79 -56.89 -13.26
N LEU G 166 20.55 -58.18 -13.44
CA LEU G 166 20.17 -58.74 -14.73
C LEU G 166 18.70 -59.16 -14.70
N GLN G 167 17.94 -58.72 -15.70
CA GLN G 167 16.52 -59.03 -15.80
C GLN G 167 16.08 -59.02 -17.26
N ASN G 168 15.41 -60.09 -17.68
CA ASN G 168 14.94 -60.21 -19.05
C ASN G 168 16.01 -59.87 -20.07
N GLN G 169 17.19 -60.46 -19.92
CA GLN G 169 18.31 -60.25 -20.84
C GLN G 169 18.80 -58.81 -20.89
N LYS G 170 18.42 -58.02 -19.89
CA LYS G 170 18.82 -56.62 -19.83
C LYS G 170 19.40 -56.33 -18.45
N LYS G 171 20.19 -55.28 -18.33
CA LYS G 171 20.77 -54.99 -17.04
C LYS G 171 20.87 -53.52 -16.64
N VAL G 172 21.03 -53.30 -15.34
CA VAL G 172 21.15 -51.99 -14.76
C VAL G 172 22.28 -52.06 -13.72
N GLU G 173 23.11 -51.03 -13.67
CA GLU G 173 24.26 -51.02 -12.77
C GLU G 173 24.11 -50.14 -11.55
N PHE G 174 24.52 -50.69 -10.41
CA PHE G 174 24.46 -49.97 -9.15
C PHE G 174 25.87 -49.87 -8.62
N LYS G 175 26.29 -48.66 -8.26
CA LYS G 175 27.61 -48.47 -7.70
C LYS G 175 27.39 -48.08 -6.26
N ILE G 176 27.92 -48.90 -5.33
CA ILE G 176 27.77 -48.62 -3.92
C ILE G 176 29.12 -48.70 -3.20
N ASP G 177 29.36 -47.72 -2.32
CA ASP G 177 30.60 -47.65 -1.58
C ASP G 177 30.49 -48.27 -0.20
N ILE G 178 31.40 -49.20 0.09
CA ILE G 178 31.44 -49.91 1.36
C ILE G 178 32.59 -49.39 2.22
N VAL G 179 32.43 -49.46 3.54
CA VAL G 179 33.46 -49.01 4.46
C VAL G 179 33.84 -50.11 5.46
N VAL G 180 34.99 -50.75 5.22
CA VAL G 180 35.48 -51.83 6.07
C VAL G 180 36.48 -51.31 7.09
N LEU G 181 36.18 -51.48 8.37
CA LEU G 181 37.05 -51.00 9.44
C LEU G 181 38.01 -52.06 9.97
N ALA G 182 38.28 -52.01 11.27
CA ALA G 182 39.17 -52.96 11.92
C ALA G 182 39.15 -52.72 13.43
N SER H 4 -2.89 54.84 27.51
CA SER H 4 -4.32 54.70 27.11
C SER H 4 -5.19 54.13 28.24
N LYS H 5 -6.40 54.68 28.38
CA LYS H 5 -7.35 54.21 29.39
C LYS H 5 -8.75 54.38 28.78
N LYS H 6 -9.47 53.27 28.62
CA LYS H 6 -10.81 53.34 28.02
C LYS H 6 -11.86 52.44 28.69
N VAL H 7 -13.12 52.69 28.33
CA VAL H 7 -14.26 51.93 28.86
C VAL H 7 -15.00 51.26 27.71
N VAL H 8 -15.32 49.98 27.90
CA VAL H 8 -16.04 49.20 26.90
C VAL H 8 -17.22 48.49 27.57
N LEU H 9 -18.41 48.66 27.02
CA LEU H 9 -19.59 48.01 27.59
C LEU H 9 -19.88 46.70 26.87
N GLY H 10 -20.32 45.70 27.62
CA GLY H 10 -20.61 44.41 27.01
C GLY H 10 -21.99 43.92 27.38
N LYS H 11 -22.48 42.95 26.61
CA LYS H 11 -23.79 42.36 26.84
C LYS H 11 -23.60 40.93 27.29
N LYS H 12 -24.31 40.56 28.34
CA LYS H 12 -24.23 39.22 28.90
C LYS H 12 -24.52 38.20 27.78
N GLY H 13 -23.71 37.14 27.74
CA GLY H 13 -23.90 36.12 26.72
C GLY H 13 -23.25 36.45 25.38
N ASP H 14 -22.99 37.72 25.14
CA ASP H 14 -22.35 38.11 23.89
C ASP H 14 -20.83 37.97 23.96
N THR H 15 -20.20 38.49 22.91
CA THR H 15 -18.75 38.46 22.77
C THR H 15 -18.31 39.91 22.72
N VAL H 16 -17.11 40.19 23.22
CA VAL H 16 -16.61 41.56 23.18
C VAL H 16 -15.14 41.57 22.81
N GLU H 17 -14.71 42.65 22.18
CA GLU H 17 -13.33 42.82 21.79
C GLU H 17 -12.70 44.01 22.53
N LEU H 18 -11.56 43.77 23.18
CA LEU H 18 -10.85 44.81 23.90
C LEU H 18 -9.58 45.05 23.09
N THR H 19 -9.37 46.30 22.67
CA THR H 19 -8.23 46.59 21.84
C THR H 19 -6.93 46.96 22.55
N CYS H 20 -5.84 46.63 21.87
CA CYS H 20 -4.49 46.90 22.31
C CYS H 20 -3.74 47.13 21.01
N THR H 21 -3.16 48.31 20.87
CA THR H 21 -2.44 48.64 19.66
C THR H 21 -1.05 49.19 20.00
N ALA H 22 -0.03 48.61 19.35
CA ALA H 22 1.34 49.02 19.58
C ALA H 22 1.77 50.12 18.63
N SER H 23 2.87 50.79 18.98
CA SER H 23 3.42 51.87 18.18
C SER H 23 3.56 51.49 16.70
N GLN H 24 4.52 50.61 16.41
CA GLN H 24 4.76 50.21 15.04
C GLN H 24 3.88 49.04 14.61
N LYS H 25 3.49 49.03 13.34
CA LYS H 25 2.67 47.97 12.78
C LYS H 25 3.57 46.76 12.52
N LYS H 26 3.75 45.97 13.56
CA LYS H 26 4.58 44.79 13.51
C LYS H 26 4.10 43.87 14.62
N SER H 27 4.24 42.57 14.41
CA SER H 27 3.84 41.63 15.44
C SER H 27 4.96 41.68 16.47
N ILE H 28 4.60 41.88 17.73
CA ILE H 28 5.59 41.92 18.80
C ILE H 28 4.99 41.24 20.01
N GLN H 29 5.82 41.09 21.05
CA GLN H 29 5.39 40.44 22.28
C GLN H 29 4.33 41.27 23.03
N PHE H 30 3.30 40.59 23.52
CA PHE H 30 2.25 41.27 24.27
C PHE H 30 1.57 40.31 25.24
N HIS H 31 0.92 40.84 26.27
CA HIS H 31 0.13 40.00 27.15
C HIS H 31 -0.97 40.81 27.82
N TRP H 32 -2.06 40.13 28.19
CA TRP H 32 -3.16 40.78 28.89
C TRP H 32 -3.28 40.22 30.30
N LYS H 33 -3.61 41.09 31.25
CA LYS H 33 -3.77 40.67 32.64
C LYS H 33 -5.08 41.27 33.14
N ASN H 34 -5.65 40.68 34.18
CA ASN H 34 -6.86 41.24 34.78
C ASN H 34 -6.37 42.19 35.88
N SER H 35 -7.31 42.86 36.55
CA SER H 35 -6.95 43.83 37.59
C SER H 35 -6.19 43.21 38.76
N ASN H 36 -6.30 41.90 38.93
CA ASN H 36 -5.58 41.22 40.00
C ASN H 36 -4.19 40.82 39.53
N GLN H 37 -3.79 41.32 38.36
CA GLN H 37 -2.49 41.02 37.79
C GLN H 37 -2.34 39.58 37.32
N ILE H 38 -3.43 38.84 37.20
CA ILE H 38 -3.28 37.47 36.73
C ILE H 38 -3.18 37.51 35.19
N LYS H 39 -2.23 36.79 34.63
CA LYS H 39 -2.04 36.73 33.19
C LYS H 39 -3.13 35.89 32.52
N ILE H 40 -3.75 36.48 31.50
CA ILE H 40 -4.82 35.84 30.77
C ILE H 40 -4.34 35.16 29.50
N LEU H 41 -3.65 35.92 28.67
CA LEU H 41 -3.09 35.38 27.44
C LEU H 41 -2.08 36.34 26.84
N GLY H 42 -1.25 35.82 25.95
CA GLY H 42 -0.23 36.63 25.30
C GLY H 42 0.51 35.74 24.33
N ASN H 43 1.58 36.25 23.74
CA ASN H 43 2.32 35.41 22.82
C ASN H 43 3.73 35.10 23.29
N TYR H 44 4.36 34.14 22.63
CA TYR H 44 5.73 33.72 22.93
C TYR H 44 6.24 33.32 21.54
N GLY H 45 6.90 34.25 20.88
CA GLY H 45 7.32 33.97 19.52
C GLY H 45 5.98 33.96 18.80
N SER H 46 5.69 32.94 17.99
CA SER H 46 4.40 32.89 17.29
C SER H 46 3.34 32.10 18.07
N PHE H 47 3.71 31.60 19.23
CA PHE H 47 2.75 30.83 20.03
C PHE H 47 1.81 31.73 20.80
N LEU H 48 0.57 31.26 20.94
CA LEU H 48 -0.41 31.95 21.75
C LEU H 48 -0.52 31.11 23.02
N TRP H 49 -0.31 31.72 24.18
CA TRP H 49 -0.44 30.97 25.43
C TRP H 49 -1.60 31.55 26.23
N LYS H 50 -2.09 30.77 27.18
CA LYS H 50 -3.17 31.21 28.05
C LYS H 50 -2.78 30.88 29.49
N GLY H 51 -3.18 31.75 30.42
CA GLY H 51 -2.86 31.49 31.82
C GLY H 51 -4.15 31.15 32.53
N PRO H 52 -4.10 30.60 33.75
CA PRO H 52 -5.38 30.28 34.39
C PRO H 52 -6.10 31.53 34.89
N SER H 53 -7.40 31.65 34.61
CA SER H 53 -8.15 32.80 35.08
C SER H 53 -9.67 32.58 35.12
N LYS H 54 -10.38 33.53 35.72
CA LYS H 54 -11.82 33.46 35.86
C LYS H 54 -12.49 33.43 34.49
N LEU H 55 -11.69 33.67 33.44
CA LEU H 55 -12.18 33.65 32.07
C LEU H 55 -11.95 32.26 31.49
N ASN H 56 -11.44 31.37 32.33
CA ASN H 56 -11.15 30.00 31.90
C ASN H 56 -10.68 29.97 30.44
N ASP H 57 -11.46 29.38 29.55
CA ASP H 57 -11.08 29.25 28.15
C ASP H 57 -11.90 30.11 27.18
N ARG H 58 -12.59 31.12 27.71
CA ARG H 58 -13.42 31.98 26.87
C ARG H 58 -12.68 33.18 26.29
N ALA H 59 -11.36 33.19 26.39
CA ALA H 59 -10.56 34.31 25.88
C ALA H 59 -9.72 33.91 24.68
N ASP H 60 -9.54 34.84 23.74
CA ASP H 60 -8.73 34.57 22.57
C ASP H 60 -8.27 35.93 22.04
N SER H 61 -7.45 35.90 21.00
CA SER H 61 -7.01 37.13 20.37
C SER H 61 -7.31 36.92 18.89
N ARG H 62 -6.79 37.80 18.03
CA ARG H 62 -7.00 37.67 16.60
C ARG H 62 -5.66 37.72 15.89
N ARG H 63 -5.09 36.54 15.68
CA ARG H 63 -3.80 36.40 15.02
C ARG H 63 -3.56 37.29 13.82
N ARG H 64 -4.51 37.34 12.90
CA ARG H 64 -4.39 38.15 11.70
C ARG H 64 -4.01 39.59 11.99
N LEU H 65 -4.51 40.14 13.09
CA LEU H 65 -4.21 41.54 13.38
C LEU H 65 -2.83 41.80 13.98
N TRP H 66 -2.20 40.75 14.50
CA TRP H 66 -0.87 40.91 15.11
C TRP H 66 0.10 41.61 14.16
N ARG H 67 0.01 41.26 12.87
CA ARG H 67 0.86 41.85 11.84
C ARG H 67 0.79 43.37 11.84
N GLN H 68 -0.41 43.91 12.01
CA GLN H 68 -0.62 45.36 12.01
C GLN H 68 -0.46 46.03 13.37
N GLY H 69 0.07 45.33 14.37
CA GLY H 69 0.23 45.95 15.67
C GLY H 69 -1.03 46.00 16.52
N ASN H 70 -1.94 45.07 16.25
CA ASN H 70 -3.18 44.96 17.01
C ASN H 70 -3.19 43.61 17.70
N PHE H 71 -3.29 43.61 19.03
CA PHE H 71 -3.29 42.39 19.82
C PHE H 71 -4.47 42.40 20.79
N PRO H 72 -5.69 42.29 20.26
CA PRO H 72 -6.93 42.30 21.04
C PRO H 72 -7.19 41.11 21.96
N LEU H 73 -8.02 41.36 22.96
CA LEU H 73 -8.43 40.35 23.89
C LEU H 73 -9.91 40.22 23.56
N ILE H 74 -10.32 39.02 23.15
CA ILE H 74 -11.70 38.77 22.80
C ILE H 74 -12.27 37.82 23.81
N ILE H 75 -13.42 38.19 24.37
CA ILE H 75 -14.05 37.36 25.37
C ILE H 75 -15.44 37.01 24.89
N LYS H 76 -15.77 35.72 24.90
CA LYS H 76 -17.08 35.30 24.45
C LYS H 76 -17.91 34.80 25.62
N ASN H 77 -19.21 34.66 25.37
CA ASN H 77 -20.18 34.18 26.36
C ASN H 77 -19.98 34.95 27.65
N LEU H 78 -19.95 36.27 27.52
CA LEU H 78 -19.75 37.16 28.65
C LEU H 78 -20.61 36.92 29.87
N LYS H 79 -19.98 36.90 31.03
CA LYS H 79 -20.69 36.75 32.30
C LYS H 79 -20.67 38.16 32.91
N ILE H 80 -21.63 38.47 33.77
CA ILE H 80 -21.64 39.79 34.39
C ILE H 80 -20.31 39.95 35.11
N GLU H 81 -19.90 38.89 35.81
CA GLU H 81 -18.67 38.91 36.59
C GLU H 81 -17.37 39.03 35.80
N ASP H 82 -17.45 39.04 34.47
CA ASP H 82 -16.26 39.19 33.64
C ASP H 82 -15.88 40.67 33.68
N SER H 83 -16.78 41.49 34.22
CA SER H 83 -16.55 42.92 34.33
C SER H 83 -15.30 43.14 35.16
N ASP H 84 -14.36 43.92 34.65
CA ASP H 84 -13.12 44.18 35.38
C ASP H 84 -12.29 45.12 34.52
N THR H 85 -11.16 45.56 35.07
CA THR H 85 -10.26 46.39 34.29
C THR H 85 -9.16 45.46 33.79
N TYR H 86 -9.00 45.38 32.49
CA TYR H 86 -7.97 44.53 31.91
C TYR H 86 -6.81 45.41 31.45
N ILE H 87 -5.59 44.88 31.54
CA ILE H 87 -4.42 45.63 31.13
C ILE H 87 -3.61 44.89 30.09
N CYS H 88 -3.27 45.59 29.02
CA CYS H 88 -2.45 45.00 27.98
C CYS H 88 -1.09 45.68 28.04
N GLU H 89 -0.05 44.87 28.06
CA GLU H 89 1.30 45.41 28.12
C GLU H 89 1.99 45.08 26.81
N VAL H 90 2.54 46.11 26.18
CA VAL H 90 3.24 45.96 24.92
C VAL H 90 4.20 47.16 24.79
N GLU H 91 5.42 46.91 24.32
CA GLU H 91 6.41 47.96 24.16
C GLU H 91 6.53 48.78 25.43
N ASP H 92 6.75 48.13 26.57
CA ASP H 92 6.85 48.86 27.83
C ASP H 92 5.68 49.82 28.05
N GLN H 93 4.60 49.62 27.31
CA GLN H 93 3.41 50.46 27.43
C GLN H 93 2.31 49.66 28.12
N LYS H 94 1.44 50.35 28.85
CA LYS H 94 0.35 49.70 29.56
C LYS H 94 -0.97 50.32 29.14
N GLU H 95 -1.81 49.53 28.49
CA GLU H 95 -3.10 50.04 28.04
C GLU H 95 -4.19 49.42 28.89
N GLU H 96 -4.99 50.28 29.52
CA GLU H 96 -6.07 49.84 30.38
C GLU H 96 -7.42 49.95 29.72
N VAL H 97 -8.24 48.95 29.96
CA VAL H 97 -9.59 48.98 29.40
C VAL H 97 -10.53 48.37 30.41
N GLN H 98 -11.46 49.18 30.89
CA GLN H 98 -12.42 48.68 31.85
C GLN H 98 -13.63 48.12 31.11
N LEU H 99 -13.95 46.88 31.39
CA LEU H 99 -15.10 46.22 30.78
C LEU H 99 -16.24 46.19 31.79
N LEU H 100 -17.42 46.60 31.37
CA LEU H 100 -18.60 46.57 32.23
C LEU H 100 -19.67 45.85 31.41
N VAL H 101 -20.08 44.69 31.92
CA VAL H 101 -21.06 43.82 31.29
C VAL H 101 -22.45 43.92 31.97
N PHE H 102 -23.47 44.14 31.15
CA PHE H 102 -24.86 44.27 31.59
C PHE H 102 -25.77 43.20 30.96
N GLY H 103 -26.87 42.92 31.65
CA GLY H 103 -27.86 41.96 31.19
C GLY H 103 -29.21 42.63 31.42
N LEU H 104 -30.24 42.28 30.66
CA LEU H 104 -31.54 42.90 30.86
C LEU H 104 -32.68 41.93 30.60
N THR H 105 -33.37 41.53 31.65
CA THR H 105 -34.51 40.60 31.53
C THR H 105 -35.77 41.19 32.17
N ALA H 106 -36.87 41.15 31.42
CA ALA H 106 -38.14 41.68 31.90
C ALA H 106 -38.64 40.92 33.14
N ASN H 107 -38.26 39.65 33.24
CA ASN H 107 -38.65 38.81 34.38
C ASN H 107 -40.17 38.65 34.52
N SER H 108 -40.73 37.86 33.60
CA SER H 108 -42.15 37.56 33.54
C SER H 108 -42.54 37.13 32.13
N ASP H 109 -43.48 36.19 32.05
CA ASP H 109 -43.99 35.67 30.78
C ASP H 109 -45.50 35.43 30.94
N THR H 110 -46.17 36.46 31.46
CA THR H 110 -47.61 36.45 31.70
C THR H 110 -48.04 37.89 31.98
N LEU H 113 -51.92 38.63 32.11
CA LEU H 113 -53.01 39.56 31.72
C LEU H 113 -52.48 40.81 31.06
N GLN H 114 -53.36 41.59 30.44
CA GLN H 114 -52.96 42.81 29.77
C GLN H 114 -52.39 43.80 30.80
N GLY H 115 -53.27 44.38 31.63
CA GLY H 115 -52.82 45.33 32.63
C GLY H 115 -52.25 44.70 33.90
N GLN H 116 -51.04 44.16 33.81
CA GLN H 116 -50.40 43.53 34.94
C GLN H 116 -48.98 44.09 35.14
N SER H 117 -48.79 45.34 34.76
CA SER H 117 -47.51 46.06 34.87
C SER H 117 -46.34 45.27 34.28
N LEU H 118 -45.15 45.88 34.29
CA LEU H 118 -43.95 45.23 33.76
C LEU H 118 -42.70 45.79 34.44
N THR H 119 -41.98 44.93 35.17
CA THR H 119 -40.79 45.37 35.87
C THR H 119 -39.63 45.72 34.92
N LEU H 120 -39.03 44.71 34.31
CA LEU H 120 -37.90 44.90 33.37
C LEU H 120 -36.65 45.31 34.14
N THR H 121 -35.91 44.32 34.66
CA THR H 121 -34.71 44.58 35.44
C THR H 121 -33.34 44.51 34.74
N LEU H 122 -32.48 45.46 35.08
CA LEU H 122 -31.12 45.52 34.53
C LEU H 122 -30.12 44.90 35.49
N GLU H 123 -29.37 43.92 35.03
CA GLU H 123 -28.36 43.30 35.86
C GLU H 123 -27.07 44.08 35.62
N SER H 124 -26.54 44.69 36.69
CA SER H 124 -25.34 45.51 36.60
C SER H 124 -24.14 44.99 37.40
N PRO H 125 -22.92 45.27 36.91
CA PRO H 125 -21.68 44.84 37.56
C PRO H 125 -21.27 45.86 38.61
N PRO H 126 -20.37 45.47 39.51
CA PRO H 126 -19.87 46.34 40.59
C PRO H 126 -19.26 47.62 40.01
N GLY H 127 -19.52 48.74 40.66
CA GLY H 127 -18.96 50.01 40.22
C GLY H 127 -19.70 50.72 39.10
N SER H 128 -20.80 50.13 38.62
CA SER H 128 -21.55 50.75 37.53
C SER H 128 -22.58 51.73 38.06
N SER H 129 -23.10 52.57 37.18
CA SER H 129 -24.11 53.57 37.53
C SER H 129 -24.90 53.79 36.25
N PRO H 130 -25.59 52.73 35.78
CA PRO H 130 -26.38 52.73 34.57
C PRO H 130 -27.69 53.52 34.60
N SER H 131 -28.04 54.02 33.42
CA SER H 131 -29.28 54.74 33.18
C SER H 131 -29.86 54.01 31.97
N VAL H 132 -31.11 53.60 32.04
CA VAL H 132 -31.73 52.89 30.93
C VAL H 132 -33.00 53.54 30.38
N GLN H 133 -33.17 53.42 29.07
CA GLN H 133 -34.34 53.95 28.39
C GLN H 133 -34.74 53.02 27.25
N CYS H 134 -35.99 52.58 27.26
CA CYS H 134 -36.49 51.68 26.23
C CYS H 134 -37.45 52.40 25.28
N ARG H 135 -38.15 51.62 24.45
CA ARG H 135 -39.12 52.17 23.51
C ARG H 135 -40.00 51.03 22.98
N SER H 136 -41.24 50.98 23.48
CA SER H 136 -42.22 49.96 23.11
C SER H 136 -42.35 49.65 21.63
N PRO H 137 -43.04 48.53 21.31
CA PRO H 137 -43.22 48.14 19.92
C PRO H 137 -43.79 49.30 19.10
N ARG H 138 -44.69 50.07 19.73
CA ARG H 138 -45.31 51.20 19.05
C ARG H 138 -44.58 52.53 19.21
N GLY H 139 -43.64 52.62 20.15
CA GLY H 139 -42.89 53.85 20.33
C GLY H 139 -42.96 54.51 21.71
N LYS H 140 -43.54 53.82 22.68
CA LYS H 140 -43.65 54.36 24.03
C LYS H 140 -42.35 54.21 24.82
N ASN H 141 -41.61 55.31 24.93
CA ASN H 141 -40.35 55.30 25.67
C ASN H 141 -40.64 55.25 27.16
N ILE H 142 -39.61 55.08 27.97
CA ILE H 142 -39.77 55.01 29.41
C ILE H 142 -38.40 54.98 30.09
N GLN H 143 -38.05 56.12 30.71
CA GLN H 143 -36.77 56.28 31.40
C GLN H 143 -36.66 55.52 32.71
N GLY H 144 -35.44 55.50 33.25
CA GLY H 144 -35.19 54.81 34.50
C GLY H 144 -33.75 54.36 34.62
N GLY H 145 -33.49 53.43 35.54
CA GLY H 145 -32.15 52.93 35.75
C GLY H 145 -32.22 51.70 36.65
N LYS H 146 -32.29 50.52 36.02
CA LYS H 146 -32.39 49.25 36.73
C LYS H 146 -33.85 49.04 37.13
N THR H 147 -34.70 49.90 36.59
CA THR H 147 -36.13 49.82 36.87
C THR H 147 -36.92 49.97 35.58
N LEU H 148 -37.02 51.19 35.06
CA LEU H 148 -37.78 51.48 33.84
C LEU H 148 -38.94 50.49 33.66
N SER H 149 -39.93 50.57 34.54
CA SER H 149 -41.09 49.67 34.49
C SER H 149 -42.29 50.26 33.76
N VAL H 150 -43.27 49.42 33.46
CA VAL H 150 -44.49 49.82 32.76
C VAL H 150 -45.71 49.32 33.52
N SER H 151 -46.53 50.25 33.99
CA SER H 151 -47.73 49.90 34.75
C SER H 151 -48.91 49.59 33.83
N GLN H 152 -49.61 48.49 34.10
CA GLN H 152 -50.77 48.08 33.30
C GLN H 152 -50.42 48.04 31.81
N LEU H 153 -50.07 46.85 31.32
CA LEU H 153 -49.68 46.68 29.92
C LEU H 153 -50.78 46.69 28.89
N GLU H 154 -50.42 47.13 27.69
CA GLU H 154 -51.32 47.21 26.55
C GLU H 154 -51.13 45.90 25.75
N LEU H 155 -52.11 45.57 24.91
CA LEU H 155 -52.03 44.36 24.11
C LEU H 155 -51.01 44.66 23.01
N GLN H 156 -50.99 45.91 22.58
CA GLN H 156 -50.09 46.39 21.54
C GLN H 156 -48.66 46.52 22.04
N ASP H 157 -48.44 46.25 23.31
CA ASP H 157 -47.10 46.35 23.88
C ASP H 157 -46.28 45.11 23.51
N SER H 158 -46.96 44.08 23.02
CA SER H 158 -46.27 42.87 22.61
C SER H 158 -45.36 43.21 21.44
N GLY H 159 -44.22 42.52 21.37
CA GLY H 159 -43.30 42.78 20.28
C GLY H 159 -41.85 42.95 20.73
N THR H 160 -41.08 43.64 19.90
CA THR H 160 -39.67 43.87 20.17
C THR H 160 -39.38 45.22 20.83
N TRP H 161 -38.92 45.16 22.06
CA TRP H 161 -38.56 46.36 22.82
C TRP H 161 -37.06 46.61 22.68
N THR H 162 -36.69 47.85 22.43
CA THR H 162 -35.27 48.19 22.31
C THR H 162 -34.85 49.15 23.43
N CYS H 163 -33.99 48.66 24.33
CA CYS H 163 -33.54 49.47 25.46
C CYS H 163 -32.09 49.91 25.34
N THR H 164 -31.81 51.16 25.66
CA THR H 164 -30.46 51.71 25.60
C THR H 164 -29.90 51.95 27.00
N VAL H 165 -28.79 51.26 27.32
CA VAL H 165 -28.14 51.44 28.61
C VAL H 165 -27.04 52.45 28.44
N LEU H 166 -27.02 53.43 29.33
CA LEU H 166 -26.03 54.50 29.28
C LEU H 166 -25.10 54.36 30.46
N GLN H 167 -23.80 54.26 30.19
CA GLN H 167 -22.78 54.10 31.23
C GLN H 167 -21.50 54.75 30.74
N ASN H 168 -20.96 55.68 31.53
CA ASN H 168 -19.75 56.38 31.15
C ASN H 168 -19.98 57.01 29.77
N GLN H 169 -21.17 57.55 29.59
CA GLN H 169 -21.56 58.19 28.34
C GLN H 169 -21.42 57.27 27.12
N LYS H 170 -21.18 55.98 27.39
CA LYS H 170 -21.10 54.98 26.32
C LYS H 170 -22.45 54.28 26.37
N LYS H 171 -22.92 53.74 25.25
CA LYS H 171 -24.21 53.06 25.25
C LYS H 171 -24.19 51.64 24.70
N VAL H 172 -25.12 50.82 25.15
CA VAL H 172 -25.24 49.45 24.69
C VAL H 172 -26.73 49.18 24.49
N GLU H 173 -27.09 48.55 23.38
CA GLU H 173 -28.50 48.29 23.08
C GLU H 173 -28.96 46.87 23.36
N PHE H 174 -30.19 46.75 23.85
CA PHE H 174 -30.78 45.47 24.17
C PHE H 174 -32.13 45.37 23.47
N LYS H 175 -32.48 44.19 22.99
CA LYS H 175 -33.77 43.98 22.36
C LYS H 175 -34.41 42.77 23.01
N ILE H 176 -35.52 43.00 23.69
CA ILE H 176 -36.22 41.90 24.33
C ILE H 176 -37.63 41.85 23.78
N ASP H 177 -38.10 40.64 23.53
CA ASP H 177 -39.43 40.47 23.00
C ASP H 177 -40.33 40.06 24.14
N ILE H 178 -41.48 40.72 24.23
CA ILE H 178 -42.44 40.43 25.27
C ILE H 178 -43.80 40.09 24.67
N VAL H 179 -44.43 39.06 25.24
CA VAL H 179 -45.74 38.62 24.79
C VAL H 179 -46.78 38.99 25.85
N VAL H 180 -47.76 39.79 25.45
CA VAL H 180 -48.82 40.22 26.36
C VAL H 180 -50.08 39.41 26.07
N LEU H 181 -50.58 38.72 27.09
CA LEU H 181 -51.77 37.89 26.94
C LEU H 181 -53.02 38.74 27.11
N ALA H 182 -54.17 38.07 27.09
CA ALA H 182 -55.46 38.75 27.25
C ALA H 182 -56.40 37.92 28.12
C1 GOL I . 1.56 -9.21 -23.63
O1 GOL I . 2.38 -9.15 -22.46
C2 GOL I . 0.34 -10.09 -23.37
O2 GOL I . -0.41 -9.54 -22.27
C3 GOL I . -0.52 -10.11 -24.63
O3 GOL I . -1.67 -10.93 -24.41
C1 GOL J . 5.46 15.34 7.14
O1 GOL J . 4.09 14.98 7.28
C2 GOL J . 6.04 15.72 8.50
O2 GOL J . 5.92 14.61 9.40
C3 GOL J . 7.50 16.12 8.34
O3 GOL J . 8.03 16.49 9.62
C1 GOL K . -4.66 -27.20 -12.20
O1 GOL K . -4.37 -27.08 -13.57
C2 GOL K . -6.04 -27.83 -12.02
O2 GOL K . -6.04 -29.12 -12.66
C3 GOL K . -6.33 -27.97 -10.52
O3 GOL K . -7.63 -28.56 -10.31
C1 GOL L . -7.58 -23.42 -3.58
O1 GOL L . -6.29 -23.82 -4.06
C2 GOL L . -7.65 -21.89 -3.53
O2 GOL L . -7.43 -21.39 -4.84
C3 GOL L . -9.03 -21.46 -3.02
O3 GOL L . -9.09 -20.04 -2.98
C1 GOL M . -4.50 12.37 31.61
O1 GOL M . -5.23 13.44 31.01
C2 GOL M . -4.03 11.38 30.54
O2 GOL M . -3.17 12.07 29.62
C3 GOL M . -3.26 10.27 31.22
O3 GOL M . -2.83 9.33 30.25
C1 GOL N . 5.14 33.86 30.67
O1 GOL N . 4.37 34.37 31.76
C2 GOL N . 4.92 34.74 29.45
O2 GOL N . 5.31 36.08 29.75
C3 GOL N . 5.73 34.21 28.28
O3 GOL N . 5.51 35.06 27.15
C1 GOL O . -1.31 20.00 30.09
O1 GOL O . -1.59 20.34 31.45
C2 GOL O . -1.83 21.08 29.14
O2 GOL O . -1.19 22.34 29.42
C3 GOL O . -1.53 20.68 27.69
O3 GOL O . -2.05 21.68 26.81
C1 GOL P . 15.49 -33.02 -24.77
O1 GOL P . 14.96 -33.34 -26.05
C2 GOL P . 14.37 -32.45 -23.93
O2 GOL P . 13.35 -33.42 -23.80
C3 GOL P . 14.87 -32.07 -22.56
O3 GOL P . 13.77 -31.54 -21.81
C1 GOL Q . -7.81 -35.74 -24.23
O1 GOL Q . -7.39 -35.75 -25.60
C2 GOL Q . -8.45 -37.07 -23.86
O2 GOL Q . -7.53 -38.14 -24.06
C3 GOL Q . -8.87 -37.04 -22.39
O3 GOL Q . -9.46 -38.29 -22.04
C1 GOL R . -11.53 35.77 12.03
O1 GOL R . -12.41 35.20 13.00
C2 GOL R . -10.95 37.08 12.57
O2 GOL R . -10.26 36.83 13.79
C3 GOL R . -10.02 37.68 11.55
O3 GOL R . -9.48 38.89 12.06
#